data_4R2B
#
_entry.id   4R2B
#
_cell.length_a   61.457
_cell.length_b   61.374
_cell.length_c   96.260
_cell.angle_alpha   90.00
_cell.angle_beta   103.18
_cell.angle_gamma   90.00
#
_symmetry.space_group_name_H-M   'P 1 21 1'
#
loop_
_entity.id
_entity.type
_entity.pdbx_description
1 polymer 'Extracellular solute-binding protein family 1'
2 non-polymer alpha-D-glucopyranose
3 water water
#
_entity_poly.entity_id   1
_entity_poly.type   'polypeptide(L)'
_entity_poly.pdbx_seq_one_letter_code
;SMQDKQNVEVLHWWTAGGEAAALDVLKKDLEKKGISWTDMPVAGGGGTEAMTVLRARVTAGNAPTAVQMLGFDIRDWAEQ
GALGNLDEIANKEGWEKVIPAPLQEFAKYDGHWIAAPVNVHSTNWMWINKAALDKAGGKEPTNWDELIALLDKFKEQGIT
PIAHGGQPWQDATIFDAVVLSFGTDFYKKAFIDLDPETLGSDTMKQAFDRMTKLRSYVDDNFSGRDWNLASAMVIEGKAG
LQFMGDWAKGEFVKAGKKPGEDFVCMRYPGTQGAITFNSDMFAMFKVSEDKVPAQLEMASAIESPTFQSAFNVVKGSAPA
RTDVPDTDFDACGKKAIADEKEASEKGTMLGSMAHGYANPAAVKNAIYDVVTRQFNGQLSSEDAVKELVSAVEGAK
;
_entity_poly.pdbx_strand_id   A,B
#
# COMPACT_ATOMS: atom_id res chain seq x y z
N MET A 2 3.59 -24.27 -31.57
CA MET A 2 4.70 -24.76 -30.70
C MET A 2 5.59 -23.60 -30.26
N GLN A 3 6.52 -23.20 -31.13
CA GLN A 3 7.36 -22.03 -30.93
C GLN A 3 6.60 -20.75 -31.33
N ASP A 4 6.91 -19.61 -30.73
CA ASP A 4 6.25 -18.33 -31.06
C ASP A 4 6.28 -18.04 -32.55
N LYS A 5 5.18 -17.51 -33.09
CA LYS A 5 5.10 -17.22 -34.52
C LYS A 5 4.92 -15.73 -34.82
N GLN A 6 4.75 -14.93 -33.76
CA GLN A 6 4.66 -13.47 -33.85
C GLN A 6 5.76 -12.86 -33.02
N ASN A 7 6.18 -11.65 -33.37
CA ASN A 7 7.35 -11.03 -32.73
C ASN A 7 7.28 -9.52 -32.95
N VAL A 8 7.75 -8.74 -31.97
CA VAL A 8 7.91 -7.29 -32.14
C VAL A 8 9.38 -6.87 -31.94
N GLU A 9 9.84 -5.98 -32.81
CA GLU A 9 11.20 -5.42 -32.72
C GLU A 9 11.02 -4.02 -32.15
N VAL A 10 11.55 -3.80 -30.93
CA VAL A 10 11.21 -2.62 -30.13
C VAL A 10 12.42 -1.78 -29.80
N LEU A 11 12.42 -0.53 -30.29
CA LEU A 11 13.43 0.46 -29.93
C LEU A 11 12.93 1.30 -28.74
N HIS A 12 13.73 1.38 -27.69
CA HIS A 12 13.36 2.06 -26.46
C HIS A 12 14.65 2.44 -25.74
N TRP A 13 14.53 3.27 -24.71
CA TRP A 13 15.68 3.61 -23.88
C TRP A 13 15.58 3.18 -22.42
N TRP A 14 14.80 2.13 -22.15
CA TRP A 14 14.58 1.72 -20.75
C TRP A 14 15.65 0.75 -20.27
N THR A 15 16.78 1.30 -19.88
CA THR A 15 17.95 0.49 -19.64
C THR A 15 18.43 0.48 -18.19
N ALA A 16 18.03 1.45 -17.38
CA ALA A 16 18.34 1.44 -15.93
C ALA A 16 17.48 0.38 -15.23
N GLY A 17 17.88 -0.02 -14.02
CA GLY A 17 17.28 -1.19 -13.34
C GLY A 17 15.77 -1.12 -13.16
N GLY A 18 15.30 0.03 -12.69
CA GLY A 18 13.86 0.31 -12.56
C GLY A 18 13.12 0.29 -13.89
N GLU A 19 13.68 0.97 -14.89
CA GLU A 19 13.10 0.99 -16.25
C GLU A 19 13.07 -0.43 -16.86
N ALA A 20 14.17 -1.16 -16.72
CA ALA A 20 14.24 -2.55 -17.19
C ALA A 20 13.19 -3.43 -16.51
N ALA A 21 13.03 -3.28 -15.19
CA ALA A 21 12.01 -3.99 -14.40
C ALA A 21 10.60 -3.78 -14.95
N ALA A 22 10.26 -2.53 -15.25
CA ALA A 22 8.94 -2.22 -15.77
C ALA A 22 8.77 -2.81 -17.16
N LEU A 23 9.79 -2.66 -18.01
CA LEU A 23 9.73 -3.21 -19.35
C LEU A 23 9.49 -4.72 -19.37
N ASP A 24 10.10 -5.43 -18.39
CA ASP A 24 9.89 -6.87 -18.23
C ASP A 24 8.41 -7.24 -18.10
N VAL A 25 7.65 -6.37 -17.46
CA VAL A 25 6.19 -6.55 -17.35
C VAL A 25 5.53 -6.64 -18.73
N LEU A 26 5.91 -5.75 -19.64
CA LEU A 26 5.36 -5.75 -21.00
C LEU A 26 5.81 -6.98 -21.80
N LYS A 27 7.10 -7.30 -21.69
CA LYS A 27 7.68 -8.45 -22.39
C LYS A 27 6.97 -9.75 -21.98
N LYS A 28 6.76 -9.91 -20.68
CA LYS A 28 6.10 -11.13 -20.19
C LYS A 28 4.64 -11.20 -20.65
N ASP A 29 3.99 -10.04 -20.64
CA ASP A 29 2.63 -9.89 -21.08
C ASP A 29 2.49 -10.33 -22.54
N LEU A 30 3.37 -9.83 -23.40
CA LEU A 30 3.34 -10.17 -24.82
C LEU A 30 3.66 -11.63 -25.08
N GLU A 31 4.57 -12.17 -24.28
CA GLU A 31 5.02 -13.54 -24.45
C GLU A 31 3.85 -14.50 -24.20
N LYS A 32 3.04 -14.19 -23.19
CA LYS A 32 1.84 -14.99 -22.88
C LYS A 32 0.86 -15.02 -24.05
N LYS A 33 0.85 -13.95 -24.84
CA LYS A 33 0.04 -13.85 -26.07
C LYS A 33 0.68 -14.49 -27.31
N GLY A 34 1.80 -15.18 -27.12
CA GLY A 34 2.54 -15.81 -28.22
C GLY A 34 3.36 -14.81 -29.02
N ILE A 35 3.68 -13.66 -28.43
CA ILE A 35 4.52 -12.66 -29.14
C ILE A 35 5.88 -12.51 -28.49
N SER A 36 6.93 -12.91 -29.21
CA SER A 36 8.27 -12.79 -28.66
C SER A 36 8.78 -11.38 -28.94
N TRP A 37 9.99 -11.10 -28.46
CA TRP A 37 10.49 -9.75 -28.40
C TRP A 37 11.94 -9.71 -28.86
N THR A 38 12.21 -8.87 -29.86
CA THR A 38 13.57 -8.59 -30.31
C THR A 38 13.91 -7.21 -29.76
N ASP A 39 14.84 -7.17 -28.82
CA ASP A 39 15.13 -5.99 -28.04
C ASP A 39 16.13 -5.11 -28.79
N MET A 40 15.79 -3.85 -28.95
CA MET A 40 16.68 -2.90 -29.62
C MET A 40 16.86 -1.70 -28.68
N PRO A 41 17.49 -1.93 -27.49
CA PRO A 41 17.59 -0.82 -26.55
C PRO A 41 18.67 0.16 -27.01
N VAL A 42 18.45 1.44 -26.79
CA VAL A 42 19.48 2.44 -27.05
C VAL A 42 19.63 3.25 -25.79
N ALA A 43 20.64 2.90 -25.00
CA ALA A 43 20.90 3.56 -23.73
C ALA A 43 21.12 5.05 -23.88
N GLY A 44 20.49 5.80 -23.00
CA GLY A 44 20.73 7.24 -22.86
C GLY A 44 19.46 7.81 -22.26
N GLY A 45 19.56 8.27 -21.01
CA GLY A 45 18.40 8.84 -20.30
C GLY A 45 17.65 9.88 -21.11
N GLY A 46 16.33 9.77 -21.13
CA GLY A 46 15.50 10.75 -21.83
C GLY A 46 15.32 10.56 -23.34
N GLY A 47 16.08 9.64 -23.94
CA GLY A 47 15.80 9.19 -25.31
C GLY A 47 16.48 9.89 -26.46
N THR A 48 17.29 10.92 -26.20
CA THR A 48 18.01 11.61 -27.30
C THR A 48 18.80 10.62 -28.18
N GLU A 49 19.55 9.73 -27.55
CA GLU A 49 20.36 8.75 -28.29
C GLU A 49 19.45 7.84 -29.09
N ALA A 50 18.37 7.37 -28.48
CA ALA A 50 17.40 6.52 -29.18
C ALA A 50 16.83 7.23 -30.42
N MET A 51 16.48 8.50 -30.28
CA MET A 51 15.92 9.28 -31.40
C MET A 51 16.95 9.50 -32.54
N THR A 52 18.24 9.64 -32.19
CA THR A 52 19.32 9.74 -33.19
C THR A 52 19.45 8.45 -34.01
N VAL A 53 19.50 7.32 -33.31
CA VAL A 53 19.49 6.01 -33.97
C VAL A 53 18.25 5.86 -34.86
N LEU A 54 17.09 6.20 -34.30
CA LEU A 54 15.81 6.13 -35.04
C LEU A 54 15.85 6.87 -36.38
N ARG A 55 16.30 8.13 -36.37
CA ARG A 55 16.35 8.94 -37.59
C ARG A 55 17.17 8.32 -38.71
N ALA A 56 18.36 7.85 -38.36
CA ALA A 56 19.22 7.14 -39.31
C ALA A 56 18.57 5.83 -39.80
N ARG A 57 17.93 5.10 -38.90
CA ARG A 57 17.26 3.87 -39.34
C ARG A 57 16.11 4.09 -40.31
N VAL A 58 15.31 5.12 -40.06
CA VAL A 58 14.16 5.40 -40.93
C VAL A 58 14.67 5.88 -42.29
N THR A 59 15.67 6.74 -42.29
CA THR A 59 16.27 7.20 -43.56
C THR A 59 16.79 5.98 -44.36
N ALA A 60 17.24 4.94 -43.64
CA ALA A 60 17.78 3.72 -44.23
C ALA A 60 16.70 2.70 -44.58
N GLY A 61 15.43 3.07 -44.43
CA GLY A 61 14.31 2.17 -44.74
C GLY A 61 14.27 0.99 -43.78
N ASN A 62 14.69 1.24 -42.55
CA ASN A 62 14.84 0.21 -41.51
C ASN A 62 14.15 0.63 -40.20
N ALA A 63 12.98 1.25 -40.29
CA ALA A 63 12.22 1.68 -39.11
C ALA A 63 11.92 0.45 -38.23
N PRO A 64 12.04 0.59 -36.89
CA PRO A 64 11.63 -0.51 -36.02
C PRO A 64 10.12 -0.70 -36.01
N THR A 65 9.68 -1.90 -35.66
CA THR A 65 8.26 -2.23 -35.58
C THR A 65 7.52 -1.40 -34.55
N ALA A 66 8.18 -1.19 -33.41
CA ALA A 66 7.58 -0.36 -32.34
C ALA A 66 8.65 0.52 -31.74
N VAL A 67 8.28 1.77 -31.46
CA VAL A 67 9.24 2.75 -30.99
C VAL A 67 8.67 3.54 -29.80
N GLN A 68 9.42 3.55 -28.68
CA GLN A 68 9.16 4.44 -27.54
C GLN A 68 9.40 5.89 -27.98
N MET A 69 8.47 6.78 -27.67
CA MET A 69 8.52 8.13 -28.22
C MET A 69 7.78 9.13 -27.34
N LEU A 70 8.25 10.38 -27.33
CA LEU A 70 7.63 11.44 -26.53
C LEU A 70 7.11 12.63 -27.33
N GLY A 71 5.87 13.02 -27.05
CA GLY A 71 5.39 14.36 -27.34
C GLY A 71 5.45 14.81 -28.78
N PHE A 72 6.07 15.96 -29.00
CA PHE A 72 6.17 16.52 -30.35
C PHE A 72 6.93 15.66 -31.34
N ASP A 73 7.84 14.79 -30.84
CA ASP A 73 8.49 13.80 -31.73
C ASP A 73 7.48 12.90 -32.42
N ILE A 74 6.48 12.42 -31.67
CA ILE A 74 5.38 11.61 -32.24
C ILE A 74 4.69 12.39 -33.35
N ARG A 75 4.33 13.63 -33.07
CA ARG A 75 3.65 14.46 -34.05
C ARG A 75 4.44 14.55 -35.36
N ASP A 76 5.75 14.79 -35.23
CA ASP A 76 6.64 14.90 -36.38
C ASP A 76 6.56 13.67 -37.30
N TRP A 77 6.53 12.46 -36.74
CA TRP A 77 6.40 11.25 -37.59
C TRP A 77 4.98 11.03 -38.11
N ALA A 78 3.99 11.41 -37.32
CA ALA A 78 2.59 11.38 -37.77
C ALA A 78 2.40 12.27 -39.00
N GLU A 79 2.94 13.48 -38.94
CA GLU A 79 2.91 14.44 -40.06
C GLU A 79 3.48 13.82 -41.32
N GLN A 80 4.54 13.01 -41.17
CA GLN A 80 5.18 12.35 -42.31
C GLN A 80 4.41 11.12 -42.80
N GLY A 81 3.40 10.68 -42.05
CA GLY A 81 2.65 9.47 -42.39
C GLY A 81 3.45 8.20 -42.16
N ALA A 82 4.39 8.24 -41.23
CA ALA A 82 5.24 7.08 -40.96
C ALA A 82 4.62 6.06 -40.00
N LEU A 83 3.51 6.43 -39.36
CA LEU A 83 2.98 5.63 -38.24
C LEU A 83 1.71 4.91 -38.59
N GLY A 84 1.58 3.69 -38.09
CA GLY A 84 0.36 2.88 -38.24
C GLY A 84 -0.86 3.39 -37.52
N ASN A 85 -2.00 3.30 -38.20
CA ASN A 85 -3.30 3.69 -37.67
C ASN A 85 -3.79 2.67 -36.63
N LEU A 86 -4.01 3.11 -35.40
CA LEU A 86 -4.43 2.20 -34.34
C LEU A 86 -5.93 2.21 -34.03
N ASP A 87 -6.70 2.87 -34.89
CA ASP A 87 -8.14 3.07 -34.69
C ASP A 87 -8.88 1.81 -34.32
N GLU A 88 -8.65 0.72 -35.06
CA GLU A 88 -9.48 -0.46 -34.88
C GLU A 88 -9.35 -1.07 -33.49
N ILE A 89 -8.19 -0.85 -32.85
CA ILE A 89 -8.01 -1.21 -31.45
C ILE A 89 -8.63 -0.16 -30.53
N ALA A 90 -8.31 1.11 -30.79
CA ALA A 90 -8.69 2.19 -29.90
C ALA A 90 -10.22 2.42 -29.86
N ASN A 91 -10.86 2.35 -31.02
CA ASN A 91 -12.32 2.51 -31.09
C ASN A 91 -13.03 1.38 -30.35
N LYS A 92 -12.62 0.15 -30.63
CA LYS A 92 -13.16 -1.05 -30.02
C LYS A 92 -12.87 -1.19 -28.52
N GLU A 93 -11.70 -0.70 -28.08
CA GLU A 93 -11.31 -0.77 -26.66
C GLU A 93 -11.77 0.47 -25.86
N GLY A 94 -12.29 1.47 -26.55
CA GLY A 94 -12.86 2.66 -25.90
C GLY A 94 -11.82 3.60 -25.29
N TRP A 95 -10.71 3.79 -25.99
CA TRP A 95 -9.64 4.66 -25.52
C TRP A 95 -10.11 6.10 -25.31
N GLU A 96 -10.94 6.59 -26.22
CA GLU A 96 -11.41 7.98 -26.17
C GLU A 96 -11.93 8.37 -24.80
N LYS A 97 -12.60 7.44 -24.13
CA LYS A 97 -13.24 7.71 -22.84
C LYS A 97 -12.24 7.78 -21.68
N VAL A 98 -11.09 7.12 -21.82
CA VAL A 98 -10.17 6.95 -20.68
C VAL A 98 -8.78 7.58 -20.81
N ILE A 99 -8.45 8.15 -21.97
CA ILE A 99 -7.14 8.82 -22.14
C ILE A 99 -7.36 10.34 -22.01
N PRO A 100 -6.60 11.01 -21.11
CA PRO A 100 -6.81 12.46 -20.88
C PRO A 100 -6.58 13.24 -22.16
N ALA A 101 -7.29 14.35 -22.31
CA ALA A 101 -7.21 15.16 -23.50
C ALA A 101 -5.79 15.65 -23.81
N PRO A 102 -5.01 16.01 -22.76
CA PRO A 102 -3.63 16.45 -23.06
C PRO A 102 -2.77 15.36 -23.70
N LEU A 103 -3.03 14.08 -23.42
CA LEU A 103 -2.32 13.00 -24.09
C LEU A 103 -2.85 12.75 -25.50
N GLN A 104 -4.16 12.91 -25.70
CA GLN A 104 -4.76 12.73 -27.02
C GLN A 104 -4.26 13.75 -28.04
N GLU A 105 -3.85 14.93 -27.58
CA GLU A 105 -3.19 15.90 -28.48
C GLU A 105 -1.98 15.32 -29.22
N PHE A 106 -1.37 14.31 -28.61
CA PHE A 106 -0.14 13.69 -29.15
C PHE A 106 -0.36 12.26 -29.64
N ALA A 107 -1.23 11.50 -28.96
CA ALA A 107 -1.57 10.13 -29.39
C ALA A 107 -2.41 10.10 -30.67
N LYS A 108 -3.06 11.23 -30.97
CA LYS A 108 -3.91 11.33 -32.17
C LYS A 108 -3.39 12.35 -33.18
N TYR A 109 -3.52 12.02 -34.45
CA TYR A 109 -3.16 12.96 -35.51
C TYR A 109 -4.12 12.80 -36.67
N ASP A 110 -4.69 13.93 -37.12
CA ASP A 110 -5.51 13.96 -38.33
C ASP A 110 -6.71 13.00 -38.22
N GLY A 111 -7.24 12.85 -37.02
CA GLY A 111 -8.42 12.02 -36.77
C GLY A 111 -8.15 10.56 -36.41
N HIS A 112 -6.88 10.19 -36.25
CA HIS A 112 -6.53 8.80 -35.98
C HIS A 112 -5.56 8.62 -34.83
N TRP A 113 -5.78 7.56 -34.05
CA TRP A 113 -4.84 7.13 -33.02
C TRP A 113 -3.57 6.59 -33.69
N ILE A 114 -2.43 7.21 -33.42
CA ILE A 114 -1.17 6.80 -34.10
C ILE A 114 -0.05 6.45 -33.10
N ALA A 115 -0.44 6.41 -31.82
CA ALA A 115 0.43 5.93 -30.75
C ALA A 115 -0.41 5.39 -29.58
N ALA A 116 0.16 4.45 -28.85
CA ALA A 116 -0.47 3.85 -27.67
C ALA A 116 0.22 4.40 -26.43
N PRO A 117 -0.46 5.26 -25.67
CA PRO A 117 0.13 5.85 -24.47
C PRO A 117 0.30 4.82 -23.34
N VAL A 118 1.48 4.80 -22.74
CA VAL A 118 1.80 3.85 -21.68
C VAL A 118 1.46 4.44 -20.31
N ASN A 119 1.85 5.70 -20.11
CA ASN A 119 1.87 6.27 -18.77
C ASN A 119 1.72 7.79 -18.73
N VAL A 120 1.77 8.33 -17.52
CA VAL A 120 1.85 9.77 -17.28
C VAL A 120 2.95 9.96 -16.22
N HIS A 121 4.18 10.12 -16.70
CA HIS A 121 5.27 10.59 -15.84
C HIS A 121 5.08 12.07 -15.58
N SER A 122 5.76 12.59 -14.58
CA SER A 122 5.82 14.03 -14.38
C SER A 122 7.17 14.41 -13.82
N THR A 123 7.61 15.64 -14.04
CA THR A 123 9.00 16.00 -13.78
C THR A 123 9.26 16.82 -12.50
N ASN A 124 8.21 17.45 -11.95
CA ASN A 124 8.36 18.39 -10.83
C ASN A 124 8.33 17.71 -9.46
N TRP A 125 9.20 16.71 -9.28
CA TRP A 125 9.36 16.02 -7.99
C TRP A 125 10.71 16.27 -7.35
N MET A 126 10.74 16.11 -6.03
CA MET A 126 11.97 16.01 -5.26
C MET A 126 11.97 14.65 -4.54
N TRP A 127 13.08 13.92 -4.70
CA TRP A 127 13.31 12.67 -3.96
C TRP A 127 14.30 12.91 -2.81
N ILE A 128 13.81 12.79 -1.57
CA ILE A 128 14.60 13.11 -0.39
C ILE A 128 14.94 11.88 0.46
N ASN A 129 16.22 11.75 0.80
CA ASN A 129 16.67 10.71 1.72
C ASN A 129 16.08 10.97 3.11
N LYS A 130 15.33 9.99 3.62
CA LYS A 130 14.57 10.19 4.88
C LYS A 130 15.48 10.38 6.09
N ALA A 131 16.51 9.54 6.20
CA ALA A 131 17.49 9.68 7.29
C ALA A 131 18.11 11.07 7.34
N ALA A 132 18.51 11.61 6.18
CA ALA A 132 19.13 12.94 6.14
C ALA A 132 18.15 14.04 6.49
N LEU A 133 16.91 13.89 6.02
CA LEU A 133 15.84 14.84 6.34
C LEU A 133 15.58 14.89 7.84
N ASP A 134 15.48 13.71 8.46
CA ASP A 134 15.28 13.59 9.90
C ASP A 134 16.46 14.17 10.69
N LYS A 135 17.68 13.96 10.20
CA LYS A 135 18.85 14.60 10.79
C LYS A 135 18.70 16.10 10.73
N ALA A 136 18.04 16.57 9.67
CA ALA A 136 17.85 18.00 9.43
C ALA A 136 16.63 18.58 10.14
N GLY A 137 16.02 17.82 11.03
CA GLY A 137 14.87 18.33 11.78
C GLY A 137 13.54 17.85 11.25
N GLY A 138 13.57 17.19 10.10
CA GLY A 138 12.40 16.48 9.58
C GLY A 138 11.35 17.25 8.81
N LYS A 139 11.51 18.57 8.69
CA LYS A 139 10.50 19.42 8.05
C LYS A 139 10.65 19.42 6.54
N GLU A 140 9.60 18.98 5.84
CA GLU A 140 9.56 18.98 4.38
C GLU A 140 9.45 20.42 3.85
N PRO A 141 10.41 20.86 2.98
CA PRO A 141 10.38 22.26 2.54
C PRO A 141 9.21 22.56 1.57
N THR A 142 8.49 23.64 1.84
CA THR A 142 7.31 24.03 1.09
C THR A 142 7.64 25.10 0.04
N ASN A 143 8.59 25.97 0.37
CA ASN A 143 8.95 27.09 -0.49
C ASN A 143 10.44 27.15 -0.74
N TRP A 144 10.87 28.18 -1.48
CA TRP A 144 12.26 28.29 -1.89
C TRP A 144 13.20 28.46 -0.69
N ASP A 145 12.89 29.43 0.17
CA ASP A 145 13.70 29.66 1.38
C ASP A 145 13.88 28.41 2.25
N GLU A 146 12.81 27.63 2.43
CA GLU A 146 12.92 26.39 3.20
C GLU A 146 13.79 25.35 2.50
N LEU A 147 13.70 25.30 1.17
CA LEU A 147 14.55 24.41 0.39
C LEU A 147 16.02 24.74 0.61
N ILE A 148 16.37 26.02 0.48
CA ILE A 148 17.75 26.46 0.67
C ILE A 148 18.23 26.16 2.10
N ALA A 149 17.40 26.45 3.09
CA ALA A 149 17.73 26.08 4.49
C ALA A 149 17.99 24.57 4.66
N LEU A 150 17.23 23.72 3.97
CA LEU A 150 17.44 22.27 4.06
C LEU A 150 18.75 21.88 3.37
N LEU A 151 19.00 22.44 2.20
CA LEU A 151 20.25 22.15 1.47
C LEU A 151 21.47 22.57 2.28
N ASP A 152 21.40 23.73 2.95
CA ASP A 152 22.46 24.17 3.87
C ASP A 152 22.71 23.21 5.04
N LYS A 153 21.64 22.69 5.62
CA LYS A 153 21.76 21.63 6.63
C LYS A 153 22.42 20.37 6.07
N PHE A 154 22.02 19.95 4.87
CA PHE A 154 22.65 18.78 4.21
C PHE A 154 24.14 19.01 4.05
N LYS A 155 24.47 20.24 3.65
CA LYS A 155 25.85 20.61 3.44
C LYS A 155 26.65 20.50 4.76
N GLU A 156 26.08 20.97 5.87
CA GLU A 156 26.81 20.87 7.15
C GLU A 156 26.84 19.43 7.71
N GLN A 157 25.89 18.61 7.28
CA GLN A 157 25.88 17.16 7.56
C GLN A 157 27.05 16.45 6.85
N GLY A 158 27.68 17.14 5.89
CA GLY A 158 28.82 16.57 5.17
C GLY A 158 28.45 15.66 4.01
N ILE A 159 27.20 15.71 3.58
CA ILE A 159 26.78 14.94 2.41
C ILE A 159 26.61 15.87 1.21
N THR A 160 26.53 15.31 0.01
CA THR A 160 26.21 16.09 -1.17
C THR A 160 24.71 16.49 -1.10
N PRO A 161 24.42 17.81 -1.03
CA PRO A 161 23.00 18.18 -0.83
C PRO A 161 22.09 17.76 -2.01
N ILE A 162 22.49 18.10 -3.24
CA ILE A 162 21.75 17.74 -4.46
C ILE A 162 22.51 16.68 -5.27
N ALA A 163 21.88 15.51 -5.43
CA ALA A 163 22.34 14.52 -6.40
C ALA A 163 21.81 14.87 -7.80
N HIS A 164 22.75 15.16 -8.70
CA HIS A 164 22.43 15.61 -10.07
C HIS A 164 23.44 15.08 -11.10
N GLY A 165 23.00 14.93 -12.34
CA GLY A 165 23.91 14.56 -13.44
C GLY A 165 23.99 15.70 -14.45
N GLY A 166 25.21 16.11 -14.79
CA GLY A 166 25.43 17.20 -15.74
C GLY A 166 25.25 16.74 -17.17
N GLN A 167 24.01 16.82 -17.66
CA GLN A 167 23.67 16.50 -19.04
C GLN A 167 22.55 17.49 -19.38
N PRO A 168 22.50 18.01 -20.62
CA PRO A 168 21.51 19.07 -20.92
C PRO A 168 20.07 18.70 -20.56
N TRP A 169 19.64 17.49 -20.86
CA TRP A 169 18.26 17.11 -20.54
C TRP A 169 17.94 17.09 -19.03
N GLN A 170 18.95 16.77 -18.22
CA GLN A 170 18.77 16.74 -16.77
C GLN A 170 18.72 18.16 -16.23
N ASP A 171 19.55 19.02 -16.80
CA ASP A 171 19.47 20.44 -16.44
C ASP A 171 18.08 21.00 -16.80
N ALA A 172 17.57 20.63 -17.97
CA ALA A 172 16.25 21.08 -18.39
C ALA A 172 15.16 20.56 -17.47
N THR A 173 15.36 19.35 -16.95
CA THR A 173 14.35 18.70 -16.12
C THR A 173 14.15 19.50 -14.86
N ILE A 174 15.27 19.93 -14.27
CA ILE A 174 15.20 20.84 -13.14
C ILE A 174 14.49 22.13 -13.53
N PHE A 175 14.84 22.69 -14.70
CA PHE A 175 14.32 24.00 -15.12
C PHE A 175 12.80 23.95 -15.34
N ASP A 176 12.27 22.79 -15.78
CA ASP A 176 10.83 22.55 -15.79
C ASP A 176 10.22 23.05 -14.48
N ALA A 177 10.77 22.54 -13.39
CA ALA A 177 10.21 22.73 -12.07
C ALA A 177 10.49 24.13 -11.51
N VAL A 178 11.71 24.62 -11.73
CA VAL A 178 12.05 26.00 -11.36
C VAL A 178 11.10 27.01 -12.01
N VAL A 179 10.88 26.88 -13.31
CA VAL A 179 9.96 27.77 -14.02
C VAL A 179 8.52 27.58 -13.49
N LEU A 180 8.12 26.31 -13.35
CA LEU A 180 6.80 26.01 -12.78
C LEU A 180 6.54 26.68 -11.44
N SER A 181 7.57 26.77 -10.60
CA SER A 181 7.42 27.37 -9.26
C SER A 181 7.09 28.86 -9.26
N PHE A 182 7.24 29.53 -10.40
CA PHE A 182 6.84 30.93 -10.54
C PHE A 182 5.38 31.05 -10.98
N GLY A 183 4.74 29.89 -11.11
CA GLY A 183 3.30 29.78 -11.34
C GLY A 183 2.98 29.16 -12.69
N THR A 184 1.83 28.50 -12.78
CA THR A 184 1.40 27.88 -14.04
C THR A 184 1.20 28.90 -15.18
N ASP A 185 0.74 30.10 -14.86
CA ASP A 185 0.58 31.14 -15.89
C ASP A 185 1.92 31.47 -16.55
N PHE A 186 2.95 31.67 -15.72
CA PHE A 186 4.28 31.98 -16.23
C PHE A 186 4.82 30.82 -17.08
N TYR A 187 4.66 29.60 -16.58
CA TYR A 187 5.15 28.42 -17.27
C TYR A 187 4.50 28.29 -18.66
N LYS A 188 3.18 28.46 -18.71
CA LYS A 188 2.49 28.40 -20.00
C LYS A 188 2.95 29.51 -20.95
N LYS A 189 3.07 30.72 -20.43
CA LYS A 189 3.49 31.85 -21.26
C LYS A 189 4.86 31.59 -21.84
N ALA A 190 5.76 31.05 -21.01
CA ALA A 190 7.15 30.83 -21.42
C ALA A 190 7.31 29.66 -22.35
N PHE A 191 6.80 28.49 -21.96
CA PHE A 191 7.17 27.27 -22.70
C PHE A 191 6.11 26.70 -23.63
N ILE A 192 4.86 27.10 -23.42
CA ILE A 192 3.79 26.62 -24.26
C ILE A 192 3.47 27.72 -25.27
N ASP A 193 3.25 28.94 -24.80
CA ASP A 193 2.94 30.03 -25.72
C ASP A 193 4.21 30.57 -26.39
N LEU A 194 5.38 30.26 -25.82
CA LEU A 194 6.68 30.79 -26.33
C LEU A 194 6.65 32.30 -26.55
N ASP A 195 6.11 33.00 -25.56
CA ASP A 195 5.92 34.43 -25.58
C ASP A 195 7.27 35.11 -25.31
N PRO A 196 7.76 35.95 -26.26
CA PRO A 196 9.10 36.52 -26.10
C PRO A 196 9.25 37.52 -24.94
N GLU A 197 8.19 38.26 -24.61
CA GLU A 197 8.24 39.17 -23.48
C GLU A 197 8.42 38.38 -22.18
N THR A 198 7.75 37.23 -22.08
CA THR A 198 7.84 36.38 -20.90
C THR A 198 9.22 35.74 -20.78
N LEU A 199 9.72 35.21 -21.90
CA LEU A 199 11.02 34.55 -21.99
C LEU A 199 12.16 35.50 -21.68
N GLY A 200 11.93 36.79 -21.91
CA GLY A 200 12.91 37.83 -21.61
C GLY A 200 12.62 38.58 -20.32
N SER A 201 11.71 38.08 -19.49
CA SER A 201 11.27 38.84 -18.34
C SER A 201 12.24 38.76 -17.15
N ASP A 202 12.08 39.70 -16.24
CA ASP A 202 12.78 39.69 -14.95
C ASP A 202 12.51 38.41 -14.18
N THR A 203 11.29 37.88 -14.32
CA THR A 203 10.96 36.59 -13.71
C THR A 203 11.85 35.47 -14.25
N MET A 204 12.04 35.40 -15.56
CA MET A 204 12.97 34.41 -16.14
C MET A 204 14.42 34.60 -15.68
N LYS A 205 14.83 35.86 -15.47
CA LYS A 205 16.13 36.17 -14.87
C LYS A 205 16.21 35.59 -13.44
N GLN A 206 15.15 35.74 -12.67
CA GLN A 206 15.09 35.08 -11.35
C GLN A 206 15.17 33.56 -11.43
N ALA A 207 14.49 32.96 -12.42
CA ALA A 207 14.60 31.51 -12.62
C ALA A 207 16.05 31.07 -12.84
N PHE A 208 16.78 31.78 -13.69
CA PHE A 208 18.17 31.41 -13.93
C PHE A 208 19.01 31.62 -12.67
N ASP A 209 18.72 32.70 -11.93
CA ASP A 209 19.44 32.95 -10.66
C ASP A 209 19.25 31.78 -9.70
N ARG A 210 18.06 31.19 -9.70
CA ARG A 210 17.83 30.01 -8.88
C ARG A 210 18.64 28.80 -9.34
N MET A 211 18.80 28.65 -10.65
CA MET A 211 19.61 27.56 -11.20
C MET A 211 21.06 27.72 -10.76
N THR A 212 21.57 28.96 -10.79
CA THR A 212 22.88 29.24 -10.23
C THR A 212 22.98 28.77 -8.78
N LYS A 213 21.94 29.05 -7.98
CA LYS A 213 21.95 28.66 -6.57
C LYS A 213 21.95 27.13 -6.43
N LEU A 214 21.14 26.45 -7.22
CA LEU A 214 21.09 24.99 -7.16
C LEU A 214 22.41 24.35 -7.58
N ARG A 215 23.02 24.94 -8.63
CA ARG A 215 24.35 24.53 -9.10
C ARG A 215 25.37 24.53 -7.97
N SER A 216 25.26 25.48 -7.05
CA SER A 216 26.22 25.56 -5.92
C SER A 216 26.17 24.37 -4.95
N TYR A 217 25.12 23.57 -5.04
CA TYR A 217 24.98 22.41 -4.12
C TYR A 217 25.23 21.04 -4.76
N VAL A 218 25.55 20.99 -6.04
CA VAL A 218 25.90 19.71 -6.67
C VAL A 218 27.40 19.41 -6.48
N ASP A 219 27.78 18.13 -6.52
CA ASP A 219 29.18 17.78 -6.27
C ASP A 219 30.05 18.05 -7.49
N ASP A 220 31.35 18.18 -7.28
CA ASP A 220 32.29 18.58 -8.34
C ASP A 220 32.42 17.57 -9.47
N ASN A 221 31.98 16.33 -9.25
CA ASN A 221 32.06 15.31 -10.29
C ASN A 221 30.73 15.04 -11.03
N PHE A 222 29.80 15.99 -10.91
CA PHE A 222 28.46 15.81 -11.48
C PHE A 222 28.45 15.66 -13.00
N SER A 223 29.38 16.33 -13.67
CA SER A 223 29.33 16.43 -15.13
C SER A 223 29.33 15.07 -15.82
N GLY A 224 28.38 14.87 -16.72
CA GLY A 224 28.28 13.62 -17.48
C GLY A 224 27.66 12.41 -16.77
N ARG A 225 27.23 12.58 -15.53
CA ARG A 225 26.68 11.45 -14.75
C ARG A 225 25.26 11.03 -15.18
N ASP A 226 25.05 9.72 -15.40
CA ASP A 226 23.71 9.24 -15.75
C ASP A 226 22.72 9.54 -14.62
N TRP A 227 21.48 9.88 -14.98
CA TRP A 227 20.45 10.25 -14.00
C TRP A 227 20.31 9.20 -12.88
N ASN A 228 20.41 7.91 -13.23
CA ASN A 228 20.12 6.83 -12.29
C ASN A 228 21.25 6.68 -11.29
N LEU A 229 22.42 7.18 -11.65
CA LEU A 229 23.53 7.17 -10.71
C LEU A 229 23.36 8.28 -9.69
N ALA A 230 22.74 9.40 -10.09
CA ALA A 230 22.32 10.40 -9.08
C ALA A 230 21.24 9.84 -8.15
N SER A 231 20.25 9.15 -8.72
CA SER A 231 19.25 8.48 -7.89
C SER A 231 19.89 7.54 -6.84
N ALA A 232 20.85 6.74 -7.28
CA ALA A 232 21.57 5.84 -6.38
C ALA A 232 22.26 6.53 -5.19
N MET A 233 22.80 7.73 -5.43
CA MET A 233 23.42 8.54 -4.38
C MET A 233 22.44 8.88 -3.25
N VAL A 234 21.22 9.26 -3.61
CA VAL A 234 20.18 9.52 -2.62
C VAL A 234 19.75 8.20 -1.95
N ILE A 235 19.60 7.14 -2.76
CA ILE A 235 19.20 5.84 -2.22
C ILE A 235 20.19 5.39 -1.15
N GLU A 236 21.48 5.55 -1.43
CA GLU A 236 22.51 5.09 -0.52
C GLU A 236 22.75 6.05 0.65
N GLY A 237 22.09 7.20 0.63
CA GLY A 237 22.31 8.22 1.66
C GLY A 237 23.59 9.01 1.50
N LYS A 238 24.20 8.94 0.32
CA LYS A 238 25.41 9.75 0.03
C LYS A 238 25.07 11.18 -0.39
N ALA A 239 23.80 11.39 -0.78
CA ALA A 239 23.28 12.68 -1.16
C ALA A 239 21.91 12.92 -0.51
N GLY A 240 21.53 14.18 -0.34
CA GLY A 240 20.29 14.53 0.34
C GLY A 240 19.03 14.35 -0.48
N LEU A 241 19.02 14.91 -1.69
CA LEU A 241 17.85 14.88 -2.53
C LEU A 241 18.20 14.97 -4.01
N GLN A 242 17.20 14.68 -4.85
CA GLN A 242 17.36 14.72 -6.30
C GLN A 242 16.09 15.35 -6.85
N PHE A 243 16.25 16.24 -7.81
CA PHE A 243 15.13 16.76 -8.60
C PHE A 243 15.05 15.95 -9.90
N MET A 244 13.99 15.16 -10.06
CA MET A 244 13.89 14.28 -11.25
C MET A 244 12.46 13.80 -11.43
N GLY A 245 12.13 13.37 -12.64
CA GLY A 245 10.83 12.74 -12.92
C GLY A 245 10.63 11.49 -12.08
N ASP A 246 9.38 11.03 -11.99
CA ASP A 246 9.08 9.92 -11.10
C ASP A 246 9.59 8.56 -11.56
N TRP A 247 10.31 8.55 -12.69
CA TRP A 247 11.09 7.35 -13.03
C TRP A 247 12.18 7.13 -11.97
N ALA A 248 12.57 8.17 -11.25
CA ALA A 248 13.49 8.01 -10.13
C ALA A 248 12.96 7.03 -9.08
N LYS A 249 11.65 7.02 -8.85
CA LYS A 249 11.03 6.13 -7.84
C LYS A 249 11.21 4.68 -8.21
N GLY A 250 11.17 4.41 -9.51
CA GLY A 250 11.51 3.12 -10.07
C GLY A 250 12.82 2.57 -9.52
N GLU A 251 13.82 3.44 -9.40
CA GLU A 251 15.10 3.07 -8.81
C GLU A 251 15.00 2.77 -7.31
N PHE A 252 14.30 3.65 -6.56
CA PHE A 252 14.11 3.45 -5.11
C PHE A 252 13.41 2.14 -4.80
N VAL A 253 12.39 1.82 -5.59
CA VAL A 253 11.61 0.58 -5.39
C VAL A 253 12.44 -0.63 -5.78
N LYS A 254 13.22 -0.52 -6.86
CA LYS A 254 14.11 -1.59 -7.28
C LYS A 254 15.12 -1.93 -6.16
N ALA A 255 15.62 -0.89 -5.49
CA ALA A 255 16.53 -1.04 -4.35
C ALA A 255 15.84 -1.47 -3.04
N GLY A 256 14.53 -1.67 -3.07
CA GLY A 256 13.77 -2.12 -1.89
C GLY A 256 13.43 -1.03 -0.89
N LYS A 257 13.54 0.23 -1.30
CA LYS A 257 13.24 1.35 -0.40
C LYS A 257 11.76 1.72 -0.44
N LYS A 258 11.24 2.15 0.71
CA LYS A 258 9.82 2.42 0.86
C LYS A 258 9.51 3.89 1.12
N PRO A 259 8.43 4.43 0.49
CA PRO A 259 8.02 5.81 0.77
C PRO A 259 7.72 5.98 2.25
N GLY A 260 8.19 7.07 2.85
CA GLY A 260 7.95 7.33 4.28
C GLY A 260 9.10 6.86 5.17
N GLU A 261 9.45 5.59 5.03
CA GLU A 261 10.56 4.98 5.77
C GLU A 261 11.93 5.40 5.25
N ASP A 262 12.18 5.19 3.96
CA ASP A 262 13.53 5.39 3.44
C ASP A 262 13.67 6.69 2.63
N PHE A 263 12.56 7.13 2.04
CA PHE A 263 12.56 8.34 1.24
C PHE A 263 11.23 9.09 1.27
N VAL A 264 11.31 10.40 1.03
CA VAL A 264 10.12 11.23 0.89
C VAL A 264 9.98 11.66 -0.58
N CYS A 265 8.75 11.69 -1.07
CA CYS A 265 8.46 12.15 -2.43
C CYS A 265 7.58 13.39 -2.31
N MET A 266 8.06 14.51 -2.81
CA MET A 266 7.28 15.75 -2.76
C MET A 266 7.31 16.43 -4.12
N ARG A 267 6.36 17.33 -4.35
CA ARG A 267 6.48 18.18 -5.54
C ARG A 267 7.57 19.22 -5.25
N TYR A 268 8.15 19.76 -6.32
CA TYR A 268 9.13 20.83 -6.19
C TYR A 268 8.44 22.01 -5.50
N PRO A 269 9.12 22.63 -4.51
CA PRO A 269 8.50 23.69 -3.70
C PRO A 269 7.87 24.80 -4.55
N GLY A 270 6.62 25.12 -4.27
CA GLY A 270 5.89 26.13 -5.05
C GLY A 270 5.14 25.57 -6.27
N THR A 271 5.20 24.25 -6.46
CA THR A 271 4.50 23.62 -7.60
C THR A 271 3.42 22.59 -7.21
N GLN A 272 3.20 22.34 -5.93
CA GLN A 272 2.09 21.43 -5.55
C GLN A 272 0.77 21.94 -6.18
N GLY A 273 -0.03 21.03 -6.75
CA GLY A 273 -1.29 21.42 -7.40
C GLY A 273 -1.17 21.58 -8.91
N ALA A 274 0.05 21.40 -9.41
CA ALA A 274 0.35 21.38 -10.83
C ALA A 274 1.30 20.23 -11.14
N ILE A 275 1.21 19.70 -12.36
CA ILE A 275 2.23 18.77 -12.84
C ILE A 275 2.78 19.17 -14.22
N THR A 276 4.08 18.93 -14.43
CA THR A 276 4.68 19.03 -15.75
C THR A 276 4.85 17.60 -16.22
N PHE A 277 4.02 17.21 -17.20
CA PHE A 277 3.86 15.81 -17.53
C PHE A 277 4.61 15.40 -18.80
N ASN A 278 4.94 14.12 -18.87
CA ASN A 278 5.36 13.52 -20.12
C ASN A 278 4.82 12.09 -20.20
N SER A 279 4.40 11.67 -21.37
CA SER A 279 3.80 10.34 -21.54
C SER A 279 4.62 9.52 -22.52
N ASP A 280 5.15 8.40 -22.06
CA ASP A 280 5.83 7.49 -22.98
C ASP A 280 4.78 6.82 -23.84
N MET A 281 4.95 6.89 -25.15
CA MET A 281 4.03 6.18 -26.04
C MET A 281 4.80 5.23 -26.95
N PHE A 282 4.15 4.16 -27.37
CA PHE A 282 4.69 3.32 -28.43
C PHE A 282 4.03 3.65 -29.77
N ALA A 283 4.88 4.11 -30.71
CA ALA A 283 4.46 4.39 -32.07
C ALA A 283 4.80 3.17 -32.91
N MET A 284 3.82 2.68 -33.65
CA MET A 284 4.03 1.52 -34.50
C MET A 284 4.33 1.97 -35.93
N PHE A 285 5.60 1.94 -36.32
CA PHE A 285 5.97 2.40 -37.68
C PHE A 285 5.42 1.49 -38.76
N LYS A 286 4.94 2.08 -39.85
CA LYS A 286 4.50 1.28 -40.99
C LYS A 286 5.70 0.56 -41.59
N VAL A 287 5.66 -0.76 -41.45
CA VAL A 287 6.67 -1.66 -42.02
C VAL A 287 5.94 -2.74 -42.85
N SER A 288 6.47 -3.97 -42.91
CA SER A 288 5.76 -5.06 -43.57
C SER A 288 4.29 -5.13 -43.12
N GLU A 289 3.40 -5.41 -44.07
CA GLU A 289 1.99 -5.65 -43.75
C GLU A 289 1.85 -6.83 -42.79
N ASP A 290 2.81 -7.76 -42.83
CA ASP A 290 2.84 -8.96 -41.97
C ASP A 290 2.95 -8.62 -40.50
N LYS A 291 3.50 -7.45 -40.19
CA LYS A 291 3.77 -7.08 -38.82
C LYS A 291 2.60 -6.41 -38.13
N VAL A 292 1.63 -5.94 -38.90
CA VAL A 292 0.45 -5.22 -38.36
C VAL A 292 -0.34 -6.00 -37.29
N PRO A 293 -0.59 -7.32 -37.50
CA PRO A 293 -1.30 -7.99 -36.40
C PRO A 293 -0.56 -7.90 -35.05
N ALA A 294 0.75 -8.16 -35.04
CA ALA A 294 1.53 -8.00 -33.80
C ALA A 294 1.50 -6.58 -33.24
N GLN A 295 1.60 -5.58 -34.13
CA GLN A 295 1.55 -4.17 -33.71
C GLN A 295 0.21 -3.85 -33.04
N LEU A 296 -0.89 -4.27 -33.65
CA LEU A 296 -2.17 -4.03 -33.04
C LEU A 296 -2.31 -4.76 -31.70
N GLU A 297 -1.81 -6.00 -31.62
CA GLU A 297 -1.85 -6.74 -30.35
C GLU A 297 -1.03 -6.03 -29.27
N MET A 298 0.09 -5.45 -29.68
CA MET A 298 0.98 -4.77 -28.72
C MET A 298 0.26 -3.54 -28.16
N ALA A 299 -0.38 -2.78 -29.05
CA ALA A 299 -1.16 -1.61 -28.63
C ALA A 299 -2.29 -2.00 -27.68
N SER A 300 -3.00 -3.07 -28.01
CA SER A 300 -4.06 -3.59 -27.13
C SER A 300 -3.53 -3.98 -25.76
N ALA A 301 -2.43 -4.76 -25.71
CA ALA A 301 -1.77 -5.09 -24.45
C ALA A 301 -1.45 -3.86 -23.62
N ILE A 302 -0.94 -2.82 -24.28
CA ILE A 302 -0.45 -1.63 -23.58
C ILE A 302 -1.59 -0.90 -22.89
N GLU A 303 -2.75 -0.94 -23.51
CA GLU A 303 -3.90 -0.21 -23.01
C GLU A 303 -4.85 -1.07 -22.14
N SER A 304 -4.43 -2.29 -21.81
CA SER A 304 -5.21 -3.16 -20.92
C SER A 304 -5.13 -2.72 -19.46
N PRO A 305 -6.27 -2.69 -18.75
CA PRO A 305 -6.28 -2.17 -17.38
C PRO A 305 -5.31 -2.88 -16.43
N THR A 306 -5.20 -4.21 -16.55
CA THR A 306 -4.32 -4.97 -15.69
C THR A 306 -2.85 -4.59 -15.91
N PHE A 307 -2.44 -4.51 -17.18
CA PHE A 307 -1.10 -4.07 -17.50
C PHE A 307 -0.86 -2.62 -17.07
N GLN A 308 -1.87 -1.78 -17.27
CA GLN A 308 -1.75 -0.34 -16.96
C GLN A 308 -1.43 -0.10 -15.48
N SER A 309 -1.99 -0.93 -14.61
CA SER A 309 -1.62 -0.96 -13.20
C SER A 309 -0.23 -1.58 -12.97
N ALA A 310 -0.04 -2.86 -13.33
CA ALA A 310 1.21 -3.56 -13.05
C ALA A 310 2.48 -2.86 -13.57
N PHE A 311 2.45 -2.40 -14.81
CA PHE A 311 3.60 -1.72 -15.40
C PHE A 311 3.97 -0.42 -14.65
N ASN A 312 2.98 0.41 -14.40
CA ASN A 312 3.21 1.71 -13.80
C ASN A 312 3.58 1.65 -12.33
N VAL A 313 3.15 0.59 -11.64
CA VAL A 313 3.55 0.42 -10.25
C VAL A 313 5.07 0.28 -10.19
N VAL A 314 5.63 -0.49 -11.12
CA VAL A 314 7.06 -0.72 -11.15
C VAL A 314 7.83 0.50 -11.71
N LYS A 315 7.24 1.13 -12.73
CA LYS A 315 7.89 2.19 -13.48
C LYS A 315 8.06 3.49 -12.66
N GLY A 316 7.09 3.77 -11.81
CA GLY A 316 7.06 5.06 -11.11
C GLY A 316 6.38 6.12 -11.95
N SER A 317 5.30 5.75 -12.63
CA SER A 317 4.47 6.73 -13.33
C SER A 317 3.01 6.40 -13.02
N ALA A 318 2.11 7.32 -13.36
CA ALA A 318 0.69 7.08 -13.29
C ALA A 318 0.23 6.38 -14.56
N PRO A 319 -0.86 5.61 -14.48
CA PRO A 319 -1.43 5.04 -15.70
C PRO A 319 -1.87 6.12 -16.67
N ALA A 320 -1.84 5.80 -17.96
CA ALA A 320 -2.38 6.68 -18.98
C ALA A 320 -3.91 6.64 -18.94
N ARG A 321 -4.48 5.49 -18.54
CA ARG A 321 -5.93 5.33 -18.43
C ARG A 321 -6.46 5.89 -17.12
N THR A 322 -7.48 6.72 -17.21
CA THR A 322 -8.07 7.36 -16.02
C THR A 322 -8.92 6.40 -15.16
N ASP A 323 -9.28 5.25 -15.72
CA ASP A 323 -10.16 4.30 -15.02
C ASP A 323 -9.38 3.19 -14.30
N VAL A 324 -8.07 3.34 -14.23
CA VAL A 324 -7.25 2.36 -13.50
C VAL A 324 -7.11 2.78 -12.04
N PRO A 325 -7.57 1.91 -11.11
CA PRO A 325 -7.54 2.26 -9.68
C PRO A 325 -6.12 2.35 -9.10
N ASP A 326 -5.95 3.13 -8.05
CA ASP A 326 -4.64 3.29 -7.40
C ASP A 326 -4.27 2.21 -6.38
N THR A 327 -5.10 1.17 -6.29
CA THR A 327 -5.00 0.17 -5.21
C THR A 327 -3.62 -0.45 -5.02
N ASP A 328 -2.99 -0.85 -6.12
CA ASP A 328 -1.70 -1.54 -6.04
C ASP A 328 -0.51 -0.59 -6.01
N PHE A 329 -0.79 0.71 -6.06
CA PHE A 329 0.28 1.72 -6.05
C PHE A 329 0.70 2.01 -4.64
N ASP A 330 1.99 2.33 -4.48
CA ASP A 330 2.53 2.73 -3.18
C ASP A 330 2.11 4.17 -2.88
N ALA A 331 2.51 4.69 -1.72
CA ALA A 331 2.00 5.98 -1.30
C ALA A 331 2.36 7.09 -2.29
N CYS A 332 3.52 7.01 -2.95
CA CYS A 332 3.89 8.06 -3.93
C CYS A 332 3.15 7.93 -5.24
N GLY A 333 2.91 6.69 -5.66
CA GLY A 333 2.15 6.40 -6.87
C GLY A 333 0.71 6.85 -6.73
N LYS A 334 0.15 6.67 -5.53
CA LYS A 334 -1.18 7.17 -5.24
C LYS A 334 -1.22 8.69 -5.31
N LYS A 335 -0.22 9.35 -4.75
CA LYS A 335 -0.10 10.81 -4.90
C LYS A 335 -0.01 11.24 -6.39
N ALA A 336 0.81 10.54 -7.16
CA ALA A 336 0.98 10.84 -8.59
C ALA A 336 -0.35 10.84 -9.32
N ILE A 337 -1.19 9.87 -8.98
CA ILE A 337 -2.47 9.65 -9.65
C ILE A 337 -3.45 10.76 -9.25
N ALA A 338 -3.48 11.07 -7.96
CA ALA A 338 -4.38 12.10 -7.45
C ALA A 338 -3.97 13.49 -7.95
N ASP A 339 -2.66 13.77 -7.94
CA ASP A 339 -2.10 15.02 -8.52
C ASP A 339 -2.47 15.18 -10.00
N GLU A 340 -2.33 14.09 -10.76
CA GLU A 340 -2.76 14.13 -12.16
C GLU A 340 -4.27 14.43 -12.35
N LYS A 341 -5.14 13.73 -11.62
CA LYS A 341 -6.58 13.98 -11.75
C LYS A 341 -6.89 15.42 -11.44
N GLU A 342 -6.24 15.95 -10.41
CA GLU A 342 -6.49 17.32 -9.98
C GLU A 342 -6.00 18.34 -11.00
N ALA A 343 -4.78 18.13 -11.48
CA ALA A 343 -4.16 19.09 -12.39
C ALA A 343 -4.93 19.12 -13.69
N SER A 344 -5.38 17.93 -14.12
CA SER A 344 -6.21 17.78 -15.31
C SER A 344 -7.50 18.59 -15.18
N GLU A 345 -8.19 18.45 -14.04
CA GLU A 345 -9.44 19.18 -13.76
C GLU A 345 -9.20 20.68 -13.71
N LYS A 346 -8.10 21.08 -13.09
CA LYS A 346 -7.82 22.48 -12.84
C LYS A 346 -7.07 23.18 -13.97
N GLY A 347 -6.66 22.43 -15.00
CA GLY A 347 -5.88 22.99 -16.10
C GLY A 347 -4.45 23.34 -15.74
N THR A 348 -3.87 22.60 -14.80
CA THR A 348 -2.49 22.80 -14.39
C THR A 348 -1.63 21.56 -14.73
N MET A 349 -2.14 20.73 -15.64
CA MET A 349 -1.42 19.58 -16.17
C MET A 349 -0.72 20.05 -17.43
N LEU A 350 0.53 20.47 -17.29
CA LEU A 350 1.21 21.17 -18.39
C LEU A 350 2.29 20.28 -19.00
N GLY A 351 2.46 20.33 -20.32
CA GLY A 351 3.46 19.46 -20.96
C GLY A 351 4.85 19.83 -20.48
N SER A 352 5.63 18.83 -20.05
CA SER A 352 7.06 19.04 -19.75
C SER A 352 7.85 19.62 -20.92
N MET A 353 8.59 20.70 -20.67
CA MET A 353 9.49 21.23 -21.69
C MET A 353 10.63 20.25 -21.91
N ALA A 354 11.21 19.77 -20.82
CA ALA A 354 12.41 18.95 -20.87
C ALA A 354 12.17 17.64 -21.59
N HIS A 355 10.95 17.14 -21.47
CA HIS A 355 10.63 15.84 -22.01
C HIS A 355 9.62 15.91 -23.14
N GLY A 356 9.69 17.03 -23.87
CA GLY A 356 9.10 17.12 -25.21
C GLY A 356 7.61 17.31 -25.38
N TYR A 357 6.91 17.68 -24.30
CA TYR A 357 5.47 17.96 -24.39
C TYR A 357 5.06 19.43 -24.39
N ALA A 358 6.03 20.34 -24.27
CA ALA A 358 5.69 21.76 -24.24
C ALA A 358 5.81 22.43 -25.62
N ASN A 359 6.79 22.00 -26.40
CA ASN A 359 7.12 22.63 -27.68
C ASN A 359 7.95 21.71 -28.56
N PRO A 360 8.04 21.99 -29.88
CA PRO A 360 8.73 21.12 -30.84
C PRO A 360 10.23 20.96 -30.54
N ALA A 361 10.79 19.85 -31.03
CA ALA A 361 12.20 19.52 -30.81
C ALA A 361 13.16 20.71 -31.04
N ALA A 362 12.99 21.42 -32.15
CA ALA A 362 13.88 22.57 -32.46
C ALA A 362 13.91 23.60 -31.33
N VAL A 363 12.73 23.91 -30.79
CA VAL A 363 12.59 24.87 -29.71
C VAL A 363 13.19 24.29 -28.42
N LYS A 364 12.77 23.07 -28.07
CA LYS A 364 13.30 22.32 -26.94
C LYS A 364 14.82 22.32 -26.93
N ASN A 365 15.42 21.99 -28.08
CA ASN A 365 16.88 21.90 -28.16
C ASN A 365 17.57 23.26 -27.99
N ALA A 366 16.94 24.30 -28.53
CA ALA A 366 17.44 25.68 -28.38
C ALA A 366 17.35 26.12 -26.92
N ILE A 367 16.31 25.70 -26.21
CA ILE A 367 16.21 25.95 -24.77
C ILE A 367 17.25 25.15 -23.98
N TYR A 368 17.41 23.86 -24.31
CA TYR A 368 18.44 23.02 -23.66
C TYR A 368 19.81 23.71 -23.67
N ASP A 369 20.16 24.30 -24.80
CA ASP A 369 21.51 24.81 -24.97
C ASP A 369 21.73 26.00 -24.02
N VAL A 370 20.76 26.92 -23.97
CA VAL A 370 20.83 28.07 -23.07
C VAL A 370 20.87 27.63 -21.61
N VAL A 371 19.98 26.71 -21.23
CA VAL A 371 19.88 26.27 -19.83
C VAL A 371 21.18 25.63 -19.39
N THR A 372 21.75 24.82 -20.26
CA THR A 372 22.97 24.07 -19.96
C THR A 372 24.15 25.00 -19.71
N ARG A 373 24.31 25.99 -20.59
CA ARG A 373 25.42 26.93 -20.47
C ARG A 373 25.28 27.85 -19.26
N GLN A 374 24.05 28.26 -18.96
CA GLN A 374 23.83 29.06 -17.74
C GLN A 374 24.06 28.26 -16.46
N PHE A 375 23.53 27.04 -16.39
CA PHE A 375 23.77 26.17 -15.22
C PHE A 375 25.25 25.89 -15.01
N ASN A 376 25.98 25.67 -16.09
CA ASN A 376 27.42 25.35 -16.01
C ASN A 376 28.27 26.60 -15.75
N GLY A 377 27.61 27.75 -15.58
CA GLY A 377 28.25 29.01 -15.25
C GLY A 377 28.96 29.73 -16.40
N GLN A 378 28.68 29.32 -17.64
CA GLN A 378 29.28 29.96 -18.82
C GLN A 378 28.55 31.22 -19.24
N LEU A 379 27.34 31.37 -18.73
CA LEU A 379 26.42 32.39 -19.16
C LEU A 379 25.78 33.01 -17.93
N SER A 380 25.83 34.33 -17.82
CA SER A 380 25.15 35.03 -16.72
C SER A 380 23.64 34.98 -16.94
N SER A 381 22.89 35.20 -15.86
CA SER A 381 21.42 35.17 -15.93
C SER A 381 20.88 36.23 -16.89
N GLU A 382 21.44 37.45 -16.80
CA GLU A 382 21.13 38.54 -17.71
C GLU A 382 21.32 38.18 -19.17
N ASP A 383 22.47 37.57 -19.49
CA ASP A 383 22.74 37.15 -20.86
C ASP A 383 21.90 35.95 -21.28
N ALA A 384 21.67 35.04 -20.34
CA ALA A 384 20.89 33.83 -20.60
C ALA A 384 19.47 34.19 -21.03
N VAL A 385 18.89 35.19 -20.37
CA VAL A 385 17.58 35.71 -20.76
C VAL A 385 17.57 36.21 -22.22
N LYS A 386 18.57 37.02 -22.58
CA LYS A 386 18.67 37.53 -23.96
C LYS A 386 18.79 36.39 -24.97
N GLU A 387 19.68 35.44 -24.67
CA GLU A 387 19.91 34.33 -25.59
C GLU A 387 18.73 33.36 -25.72
N LEU A 388 17.98 33.18 -24.65
CA LEU A 388 16.78 32.35 -24.65
C LEU A 388 15.75 32.92 -25.62
N VAL A 389 15.53 34.24 -25.58
CA VAL A 389 14.57 34.86 -26.49
C VAL A 389 15.01 34.65 -27.94
N SER A 390 16.28 34.93 -28.24
CA SER A 390 16.76 34.83 -29.63
C SER A 390 16.71 33.40 -30.13
N ALA A 391 17.12 32.45 -29.29
CA ALA A 391 17.12 31.04 -29.68
C ALA A 391 15.70 30.55 -29.97
N VAL A 392 14.78 30.89 -29.06
CA VAL A 392 13.38 30.44 -29.21
C VAL A 392 12.73 31.06 -30.44
N GLU A 393 12.93 32.36 -30.65
CA GLU A 393 12.35 33.02 -31.80
C GLU A 393 12.90 32.43 -33.09
N GLY A 394 14.21 32.19 -33.13
CA GLY A 394 14.88 31.57 -34.27
C GLY A 394 14.50 30.12 -34.54
N ALA A 395 13.94 29.44 -33.53
CA ALA A 395 13.57 28.04 -33.70
C ALA A 395 12.10 27.82 -34.11
N LYS A 396 11.25 28.82 -33.88
CA LYS A 396 9.79 28.69 -34.13
C LYS A 396 9.43 28.68 -35.61
N MET B 2 -15.59 -50.79 6.84
CA MET B 2 -14.96 -50.02 5.72
C MET B 2 -14.18 -48.82 6.24
N GLN B 3 -13.32 -48.28 5.37
CA GLN B 3 -12.54 -47.09 5.70
C GLN B 3 -13.36 -45.81 5.55
N ASP B 4 -12.86 -44.70 6.09
CA ASP B 4 -13.46 -43.39 5.88
C ASP B 4 -13.47 -43.10 4.38
N LYS B 5 -14.60 -42.56 3.90
CA LYS B 5 -14.74 -42.23 2.49
C LYS B 5 -14.96 -40.73 2.27
N GLN B 6 -14.98 -39.97 3.36
CA GLN B 6 -15.15 -38.52 3.28
C GLN B 6 -14.03 -37.82 4.03
N ASN B 7 -13.68 -36.61 3.60
CA ASN B 7 -12.47 -35.96 4.08
C ASN B 7 -12.48 -34.46 3.83
N VAL B 8 -11.97 -33.70 4.80
CA VAL B 8 -11.80 -32.26 4.64
C VAL B 8 -10.32 -31.90 4.81
N GLU B 9 -9.84 -31.02 3.92
CA GLU B 9 -8.50 -30.48 3.99
C GLU B 9 -8.65 -29.08 4.55
N VAL B 10 -8.12 -28.86 5.75
CA VAL B 10 -8.47 -27.69 6.53
C VAL B 10 -7.27 -26.78 6.77
N LEU B 11 -7.34 -25.55 6.27
CA LEU B 11 -6.27 -24.57 6.53
C LEU B 11 -6.66 -23.66 7.70
N HIS B 12 -5.77 -23.51 8.67
CA HIS B 12 -6.07 -22.76 9.88
C HIS B 12 -4.76 -22.36 10.57
N TRP B 13 -4.87 -21.54 11.60
CA TRP B 13 -3.71 -21.19 12.43
C TRP B 13 -3.80 -21.55 13.91
N TRP B 14 -4.55 -22.60 14.24
CA TRP B 14 -4.71 -23.02 15.63
C TRP B 14 -3.61 -23.96 16.08
N THR B 15 -2.48 -23.40 16.53
CA THR B 15 -1.28 -24.20 16.72
C THR B 15 -0.70 -24.11 18.13
N ALA B 16 -1.15 -23.14 18.92
CA ALA B 16 -0.77 -23.06 20.33
C ALA B 16 -1.56 -24.13 21.08
N GLY B 17 -1.08 -24.53 22.25
CA GLY B 17 -1.71 -25.62 23.00
C GLY B 17 -3.21 -25.50 23.18
N GLY B 18 -3.68 -24.33 23.62
CA GLY B 18 -5.10 -24.15 23.89
C GLY B 18 -5.93 -24.16 22.61
N GLU B 19 -5.41 -23.48 21.58
CA GLU B 19 -6.02 -23.44 20.25
C GLU B 19 -6.12 -24.87 19.68
N ALA B 20 -5.03 -25.63 19.81
CA ALA B 20 -4.96 -26.99 19.29
C ALA B 20 -5.94 -27.88 20.05
N ALA B 21 -6.00 -27.68 21.38
CA ALA B 21 -6.99 -28.40 22.20
C ALA B 21 -8.43 -28.16 21.75
N ALA B 22 -8.75 -26.93 21.36
CA ALA B 22 -10.10 -26.64 20.89
C ALA B 22 -10.35 -27.26 19.53
N LEU B 23 -9.37 -27.17 18.63
CA LEU B 23 -9.50 -27.77 17.32
C LEU B 23 -9.77 -29.27 17.39
N ASP B 24 -9.14 -29.94 18.36
CA ASP B 24 -9.36 -31.37 18.58
C ASP B 24 -10.84 -31.70 18.74
N VAL B 25 -11.58 -30.79 19.38
CA VAL B 25 -13.01 -30.97 19.58
C VAL B 25 -13.69 -31.10 18.21
N LEU B 26 -13.31 -30.25 17.26
CA LEU B 26 -13.94 -30.27 15.94
C LEU B 26 -13.52 -31.50 15.10
N LYS B 27 -12.23 -31.82 15.15
CA LYS B 27 -11.70 -33.01 14.48
C LYS B 27 -12.43 -34.25 14.97
N LYS B 28 -12.55 -34.38 16.30
CA LYS B 28 -13.19 -35.54 16.91
C LYS B 28 -14.67 -35.60 16.51
N ASP B 29 -15.30 -34.44 16.50
CA ASP B 29 -16.69 -34.30 16.09
C ASP B 29 -16.89 -34.75 14.64
N LEU B 30 -15.97 -34.38 13.76
CA LEU B 30 -16.11 -34.76 12.35
C LEU B 30 -15.81 -36.25 12.14
N GLU B 31 -14.88 -36.76 12.92
CA GLU B 31 -14.54 -38.18 12.85
C GLU B 31 -15.75 -39.05 13.18
N LYS B 32 -16.53 -38.63 14.18
CA LYS B 32 -17.74 -39.37 14.55
C LYS B 32 -18.75 -39.44 13.40
N LYS B 33 -18.72 -38.42 12.53
CA LYS B 33 -19.56 -38.38 11.33
C LYS B 33 -18.97 -39.16 10.14
N GLY B 34 -17.80 -39.77 10.34
CA GLY B 34 -17.10 -40.49 9.28
C GLY B 34 -16.38 -39.58 8.31
N ILE B 35 -15.95 -38.41 8.79
CA ILE B 35 -15.24 -37.47 7.94
C ILE B 35 -13.85 -37.32 8.52
N SER B 36 -12.84 -37.73 7.75
CA SER B 36 -11.46 -37.59 8.21
C SER B 36 -10.93 -36.20 7.87
N TRP B 37 -9.72 -35.93 8.33
CA TRP B 37 -9.19 -34.58 8.40
C TRP B 37 -7.78 -34.53 7.89
N THR B 38 -7.54 -33.73 6.86
CA THR B 38 -6.18 -33.51 6.42
C THR B 38 -5.75 -32.15 6.93
N ASP B 39 -4.78 -32.15 7.84
CA ASP B 39 -4.47 -30.97 8.62
C ASP B 39 -3.50 -30.12 7.83
N MET B 40 -3.87 -28.86 7.64
CA MET B 40 -3.01 -27.91 6.93
C MET B 40 -2.76 -26.68 7.81
N PRO B 41 -2.09 -26.87 8.98
CA PRO B 41 -1.86 -25.72 9.85
C PRO B 41 -0.80 -24.78 9.24
N VAL B 42 -0.99 -23.48 9.37
CA VAL B 42 0.03 -22.50 9.05
C VAL B 42 0.21 -21.65 10.30
N ALA B 43 1.26 -21.93 11.06
CA ALA B 43 1.50 -21.25 12.32
C ALA B 43 1.73 -19.75 12.13
N GLY B 44 1.10 -18.97 13.00
CA GLY B 44 1.30 -17.53 13.03
C GLY B 44 0.09 -16.88 13.68
N GLY B 45 0.27 -16.41 14.91
CA GLY B 45 -0.82 -15.77 15.66
C GLY B 45 -1.57 -14.75 14.83
N GLY B 46 -2.89 -14.81 14.85
CA GLY B 46 -3.72 -13.83 14.12
C GLY B 46 -4.01 -14.18 12.67
N GLY B 47 -3.28 -15.13 12.11
CA GLY B 47 -3.57 -15.66 10.77
C GLY B 47 -2.96 -14.99 9.54
N THR B 48 -2.11 -13.99 9.73
CA THR B 48 -1.42 -13.34 8.60
C THR B 48 -0.71 -14.35 7.72
N GLU B 49 0.08 -15.23 8.35
CA GLU B 49 0.84 -16.25 7.64
C GLU B 49 -0.10 -17.19 6.90
N ALA B 50 -1.16 -17.61 7.58
CA ALA B 50 -2.18 -18.47 6.96
C ALA B 50 -2.79 -17.84 5.67
N MET B 51 -3.10 -16.55 5.73
CA MET B 51 -3.70 -15.86 4.57
C MET B 51 -2.72 -15.71 3.38
N THR B 52 -1.45 -15.47 3.67
CA THR B 52 -0.38 -15.48 2.65
C THR B 52 -0.29 -16.83 1.95
N VAL B 53 -0.28 -17.91 2.74
CA VAL B 53 -0.31 -19.26 2.14
C VAL B 53 -1.55 -19.42 1.25
N LEU B 54 -2.70 -19.01 1.76
CA LEU B 54 -3.96 -19.17 1.05
C LEU B 54 -3.95 -18.47 -0.30
N ARG B 55 -3.49 -17.22 -0.33
CA ARG B 55 -3.47 -16.47 -1.59
C ARG B 55 -2.67 -17.18 -2.69
N ALA B 56 -1.49 -17.69 -2.33
CA ALA B 56 -0.63 -18.40 -3.28
C ALA B 56 -1.26 -19.73 -3.71
N ARG B 57 -1.87 -20.46 -2.80
CA ARG B 57 -2.58 -21.69 -3.15
C ARG B 57 -3.78 -21.46 -4.07
N VAL B 58 -4.54 -20.41 -3.83
CA VAL B 58 -5.70 -20.13 -4.70
C VAL B 58 -5.21 -19.77 -6.10
N THR B 59 -4.20 -18.89 -6.19
CA THR B 59 -3.56 -18.56 -7.46
C THR B 59 -3.06 -19.79 -8.23
N ALA B 60 -2.60 -20.79 -7.50
CA ALA B 60 -2.13 -22.02 -8.13
C ALA B 60 -3.24 -23.02 -8.38
N GLY B 61 -4.50 -22.58 -8.23
CA GLY B 61 -5.64 -23.47 -8.39
C GLY B 61 -5.64 -24.62 -7.39
N ASN B 62 -5.20 -24.33 -6.16
CA ASN B 62 -5.12 -25.35 -5.10
C ASN B 62 -5.75 -24.88 -3.77
N ALA B 63 -6.97 -24.36 -3.86
CA ALA B 63 -7.66 -23.88 -2.66
C ALA B 63 -7.95 -25.04 -1.71
N PRO B 64 -7.83 -24.81 -0.39
CA PRO B 64 -8.22 -25.83 0.58
C PRO B 64 -9.74 -25.99 0.63
N THR B 65 -10.20 -27.15 1.08
CA THR B 65 -11.63 -27.41 1.19
C THR B 65 -12.31 -26.51 2.22
N ALA B 66 -11.59 -26.20 3.30
CA ALA B 66 -12.14 -25.36 4.37
C ALA B 66 -11.04 -24.47 4.90
N VAL B 67 -11.34 -23.18 5.06
CA VAL B 67 -10.36 -22.23 5.51
C VAL B 67 -10.89 -21.43 6.70
N GLN B 68 -10.08 -21.32 7.75
CA GLN B 68 -10.34 -20.41 8.85
C GLN B 68 -10.12 -18.98 8.36
N MET B 69 -11.09 -18.11 8.62
CA MET B 69 -11.02 -16.70 8.15
C MET B 69 -11.70 -15.72 9.11
N LEU B 70 -11.32 -14.46 8.97
CA LEU B 70 -11.90 -13.39 9.79
C LEU B 70 -12.42 -12.22 8.96
N GLY B 71 -13.65 -11.82 9.28
CA GLY B 71 -14.17 -10.49 8.96
C GLY B 71 -14.12 -10.10 7.50
N PHE B 72 -13.50 -8.95 7.21
CA PHE B 72 -13.43 -8.45 5.84
C PHE B 72 -12.72 -9.37 4.86
N ASP B 73 -11.88 -10.26 5.36
CA ASP B 73 -11.19 -11.22 4.47
C ASP B 73 -12.20 -12.14 3.80
N ILE B 74 -13.20 -12.58 4.57
CA ILE B 74 -14.30 -13.39 4.02
C ILE B 74 -15.03 -12.65 2.91
N ARG B 75 -15.46 -11.42 3.21
CA ARG B 75 -16.12 -10.54 2.24
C ARG B 75 -15.34 -10.54 0.93
N ASP B 76 -14.02 -10.32 1.04
CA ASP B 76 -13.09 -10.31 -0.10
C ASP B 76 -13.23 -11.57 -0.99
N TRP B 77 -13.23 -12.75 -0.38
CA TRP B 77 -13.34 -13.98 -1.14
C TRP B 77 -14.74 -14.22 -1.69
N ALA B 78 -15.75 -13.78 -0.92
CA ALA B 78 -17.13 -13.87 -1.37
C ALA B 78 -17.37 -12.97 -2.61
N GLU B 79 -16.81 -11.76 -2.59
CA GLU B 79 -16.85 -10.85 -3.77
C GLU B 79 -16.33 -11.54 -5.03
N GLN B 80 -15.28 -12.35 -4.88
CA GLN B 80 -14.71 -13.08 -5.99
C GLN B 80 -15.52 -14.30 -6.41
N GLY B 81 -16.48 -14.68 -5.57
CA GLY B 81 -17.31 -15.87 -5.82
C GLY B 81 -16.54 -17.17 -5.63
N ALA B 82 -15.60 -17.16 -4.69
CA ALA B 82 -14.74 -18.32 -4.40
C ALA B 82 -15.33 -19.29 -3.37
N LEU B 83 -16.44 -18.91 -2.74
CA LEU B 83 -16.94 -19.63 -1.58
C LEU B 83 -18.25 -20.39 -1.84
N GLY B 84 -18.38 -21.56 -1.20
CA GLY B 84 -19.58 -22.39 -1.32
C GLY B 84 -20.77 -21.77 -0.61
N ASN B 85 -21.92 -21.79 -1.29
CA ASN B 85 -23.21 -21.41 -0.71
C ASN B 85 -23.64 -22.41 0.37
N LEU B 86 -23.80 -21.93 1.60
CA LEU B 86 -24.20 -22.77 2.73
C LEU B 86 -25.69 -22.73 3.06
N ASP B 87 -26.51 -22.17 2.17
CA ASP B 87 -27.94 -21.91 2.47
C ASP B 87 -28.69 -23.18 2.86
N GLU B 88 -28.36 -24.29 2.21
CA GLU B 88 -29.06 -25.56 2.44
C GLU B 88 -29.03 -25.94 3.92
N ILE B 89 -27.89 -25.69 4.57
CA ILE B 89 -27.70 -25.99 5.98
C ILE B 89 -28.27 -24.87 6.84
N ALA B 90 -27.88 -23.63 6.53
CA ALA B 90 -28.24 -22.46 7.33
C ALA B 90 -29.75 -22.21 7.40
N ASN B 91 -30.43 -22.31 6.24
CA ASN B 91 -31.88 -22.15 6.18
C ASN B 91 -32.59 -23.27 6.94
N LYS B 92 -32.12 -24.49 6.74
CA LYS B 92 -32.70 -25.67 7.38
C LYS B 92 -32.49 -25.69 8.89
N GLU B 93 -31.36 -25.16 9.34
CA GLU B 93 -31.01 -25.17 10.77
C GLU B 93 -31.33 -23.86 11.51
N GLY B 94 -31.91 -22.89 10.78
CA GLY B 94 -32.31 -21.61 11.36
C GLY B 94 -31.20 -20.77 11.95
N TRP B 95 -30.06 -20.72 11.28
CA TRP B 95 -28.96 -19.85 11.72
C TRP B 95 -29.41 -18.40 11.85
N GLU B 96 -30.29 -17.94 10.96
CA GLU B 96 -30.72 -16.52 10.97
C GLU B 96 -31.22 -16.03 12.33
N LYS B 97 -31.89 -16.90 13.07
CA LYS B 97 -32.46 -16.54 14.38
C LYS B 97 -31.45 -16.55 15.53
N VAL B 98 -30.30 -17.21 15.34
CA VAL B 98 -29.34 -17.45 16.42
C VAL B 98 -27.94 -16.81 16.24
N ILE B 99 -27.67 -16.28 15.05
CA ILE B 99 -26.39 -15.65 14.76
C ILE B 99 -26.51 -14.12 14.86
N PRO B 100 -25.71 -13.47 15.72
CA PRO B 100 -25.88 -12.01 15.87
C PRO B 100 -25.76 -11.28 14.53
N ALA B 101 -26.52 -10.19 14.38
CA ALA B 101 -26.51 -9.39 13.16
C ALA B 101 -25.10 -8.94 12.76
N PRO B 102 -24.24 -8.55 13.73
CA PRO B 102 -22.88 -8.12 13.35
C PRO B 102 -22.05 -9.25 12.73
N LEU B 103 -22.27 -10.49 13.16
CA LEU B 103 -21.64 -11.64 12.50
C LEU B 103 -22.27 -11.94 11.14
N GLN B 104 -23.56 -11.68 10.99
CA GLN B 104 -24.23 -11.94 9.71
C GLN B 104 -23.72 -11.04 8.60
N GLU B 105 -23.26 -9.84 8.97
CA GLU B 105 -22.62 -8.94 8.00
C GLU B 105 -21.41 -9.53 7.26
N PHE B 106 -20.78 -10.55 7.84
CA PHE B 106 -19.60 -11.20 7.24
C PHE B 106 -19.84 -12.67 6.84
N ALA B 107 -20.66 -13.38 7.61
CA ALA B 107 -21.05 -14.76 7.27
C ALA B 107 -21.97 -14.84 6.05
N LYS B 108 -22.62 -13.74 5.68
CA LYS B 108 -23.51 -13.70 4.50
C LYS B 108 -23.00 -12.70 3.47
N TYR B 109 -23.18 -13.06 2.20
CA TYR B 109 -22.83 -12.15 1.10
C TYR B 109 -23.82 -12.32 -0.04
N ASP B 110 -24.39 -11.21 -0.51
CA ASP B 110 -25.24 -11.25 -1.71
C ASP B 110 -26.47 -12.17 -1.52
N GLY B 111 -26.93 -12.29 -0.27
CA GLY B 111 -28.14 -13.05 0.04
C GLY B 111 -27.88 -14.47 0.48
N HIS B 112 -26.60 -14.84 0.60
CA HIS B 112 -26.27 -16.22 0.92
C HIS B 112 -25.27 -16.36 2.06
N TRP B 113 -25.45 -17.42 2.85
CA TRP B 113 -24.48 -17.81 3.87
C TRP B 113 -23.27 -18.40 3.14
N ILE B 114 -22.11 -17.77 3.33
CA ILE B 114 -20.87 -18.26 2.68
C ILE B 114 -19.71 -18.51 3.64
N ALA B 115 -19.98 -18.48 4.94
CA ALA B 115 -19.04 -18.91 5.99
C ALA B 115 -19.81 -19.40 7.22
N ALA B 116 -19.17 -20.26 8.00
CA ALA B 116 -19.80 -20.84 9.20
C ALA B 116 -19.14 -20.30 10.47
N PRO B 117 -19.88 -19.45 11.24
CA PRO B 117 -19.30 -18.79 12.40
C PRO B 117 -19.05 -19.74 13.55
N VAL B 118 -17.86 -19.67 14.12
CA VAL B 118 -17.46 -20.62 15.15
C VAL B 118 -17.76 -20.03 16.52
N ASN B 119 -17.39 -18.76 16.68
CA ASN B 119 -17.38 -18.18 18.00
C ASN B 119 -17.51 -16.67 17.98
N VAL B 120 -17.43 -16.07 19.16
CA VAL B 120 -17.20 -14.65 19.31
C VAL B 120 -16.07 -14.50 20.33
N HIS B 121 -14.86 -14.28 19.82
CA HIS B 121 -13.76 -13.83 20.64
C HIS B 121 -13.91 -12.33 20.81
N SER B 122 -13.17 -11.76 21.76
CA SER B 122 -13.09 -10.31 21.93
C SER B 122 -11.72 -9.93 22.48
N THR B 123 -11.30 -8.70 22.23
CA THR B 123 -9.88 -8.32 22.34
C THR B 123 -9.56 -7.42 23.55
N ASN B 124 -10.59 -6.80 24.13
CA ASN B 124 -10.38 -5.83 25.23
C ASN B 124 -10.32 -6.46 26.62
N TRP B 125 -9.42 -7.44 26.80
CA TRP B 125 -9.24 -8.13 28.09
C TRP B 125 -7.86 -7.88 28.70
N MET B 126 -7.82 -7.93 30.02
CA MET B 126 -6.61 -7.93 30.84
C MET B 126 -6.57 -9.29 31.54
N TRP B 127 -5.45 -10.00 31.42
CA TRP B 127 -5.28 -11.29 32.10
C TRP B 127 -4.21 -11.10 33.15
N ILE B 128 -4.59 -11.21 34.43
CA ILE B 128 -3.72 -10.77 35.51
C ILE B 128 -3.35 -11.90 36.44
N ASN B 129 -2.06 -11.99 36.75
CA ASN B 129 -1.57 -12.98 37.70
C ASN B 129 -2.15 -12.67 39.09
N LYS B 130 -2.88 -13.64 39.64
CA LYS B 130 -3.55 -13.45 40.94
C LYS B 130 -2.56 -13.18 42.09
N ALA B 131 -1.47 -13.95 42.14
CA ALA B 131 -0.44 -13.78 43.19
C ALA B 131 0.17 -12.39 43.16
N ALA B 132 0.57 -11.94 41.97
CA ALA B 132 1.18 -10.62 41.79
C ALA B 132 0.23 -9.47 42.13
N LEU B 133 -1.04 -9.64 41.78
CA LEU B 133 -2.09 -8.66 42.11
C LEU B 133 -2.24 -8.49 43.63
N ASP B 134 -2.33 -9.60 44.34
CA ASP B 134 -2.43 -9.57 45.81
C ASP B 134 -1.21 -8.93 46.48
N LYS B 135 -0.01 -9.22 45.99
CA LYS B 135 1.21 -8.54 46.47
C LYS B 135 1.15 -7.03 46.24
N ALA B 136 0.45 -6.62 45.20
CA ALA B 136 0.25 -5.20 44.91
C ALA B 136 -0.98 -4.61 45.65
N GLY B 137 -1.60 -5.40 46.52
CA GLY B 137 -2.74 -4.93 47.31
C GLY B 137 -4.08 -5.50 46.88
N GLY B 138 -4.10 -6.24 45.78
CA GLY B 138 -5.29 -6.99 45.37
C GLY B 138 -6.37 -6.20 44.64
N LYS B 139 -6.12 -4.92 44.39
CA LYS B 139 -7.14 -4.03 43.81
C LYS B 139 -7.13 -4.06 42.28
N GLU B 140 -8.23 -4.52 41.73
CA GLU B 140 -8.44 -4.61 40.29
C GLU B 140 -8.60 -3.21 39.68
N PRO B 141 -7.69 -2.81 38.76
CA PRO B 141 -7.74 -1.43 38.28
C PRO B 141 -8.94 -1.19 37.35
N THR B 142 -9.57 -0.03 37.51
CA THR B 142 -10.83 0.23 36.83
C THR B 142 -10.69 1.44 35.90
N ASN B 143 -9.57 2.15 36.05
CA ASN B 143 -9.23 3.24 35.14
C ASN B 143 -7.73 3.31 34.87
N TRP B 144 -7.37 4.24 34.00
CA TRP B 144 -6.00 4.44 33.56
C TRP B 144 -5.03 4.68 34.72
N ASP B 145 -5.42 5.53 35.67
CA ASP B 145 -4.55 5.89 36.80
C ASP B 145 -4.28 4.67 37.67
N GLU B 146 -5.36 3.93 37.95
CA GLU B 146 -5.27 2.69 38.71
C GLU B 146 -4.37 1.67 38.00
N LEU B 147 -4.51 1.55 36.68
CA LEU B 147 -3.64 0.67 35.90
C LEU B 147 -2.18 1.03 36.02
N ILE B 148 -1.83 2.30 35.80
CA ILE B 148 -0.43 2.72 35.80
C ILE B 148 0.23 2.55 37.17
N ALA B 149 -0.55 2.75 38.23
CA ALA B 149 -0.07 2.53 39.60
C ALA B 149 0.21 1.05 39.84
N LEU B 150 -0.70 0.19 39.38
CA LEU B 150 -0.52 -1.26 39.51
C LEU B 150 0.74 -1.76 38.78
N LEU B 151 0.95 -1.28 37.55
CA LEU B 151 2.15 -1.63 36.81
C LEU B 151 3.45 -1.16 37.49
N ASP B 152 3.37 -0.03 38.21
CA ASP B 152 4.53 0.48 38.94
C ASP B 152 4.84 -0.45 40.11
N LYS B 153 3.79 -1.00 40.72
CA LYS B 153 3.88 -1.98 41.81
C LYS B 153 4.44 -3.33 41.33
N PHE B 154 4.03 -3.77 40.14
CA PHE B 154 4.59 -4.98 39.54
C PHE B 154 6.09 -4.81 39.30
N LYS B 155 6.50 -3.63 38.85
CA LYS B 155 7.93 -3.36 38.62
C LYS B 155 8.74 -3.51 39.92
N GLU B 156 8.13 -3.08 41.02
CA GLU B 156 8.67 -3.21 42.40
C GLU B 156 8.92 -4.67 42.79
N GLN B 157 8.12 -5.58 42.25
CA GLN B 157 8.20 -7.00 42.58
C GLN B 157 9.31 -7.72 41.79
N GLY B 158 9.97 -6.97 40.91
CA GLY B 158 11.03 -7.55 40.07
C GLY B 158 10.53 -8.45 38.95
N ILE B 159 9.22 -8.41 38.69
CA ILE B 159 8.62 -9.11 37.53
C ILE B 159 8.49 -8.16 36.33
N THR B 160 8.15 -8.70 35.17
CA THR B 160 7.87 -7.88 33.99
C THR B 160 6.40 -7.45 34.12
N PRO B 161 6.13 -6.15 34.26
CA PRO B 161 4.75 -5.75 34.54
C PRO B 161 3.74 -6.20 33.46
N ILE B 162 4.05 -5.90 32.19
CA ILE B 162 3.21 -6.36 31.06
C ILE B 162 3.91 -7.44 30.22
N ALA B 163 3.28 -8.61 30.12
CA ALA B 163 3.69 -9.63 29.15
C ALA B 163 3.15 -9.30 27.77
N HIS B 164 4.07 -9.18 26.80
CA HIS B 164 3.73 -8.74 25.45
C HIS B 164 4.68 -9.35 24.42
N GLY B 165 4.20 -9.52 23.20
CA GLY B 165 5.04 -9.89 22.06
C GLY B 165 5.05 -8.77 21.04
N GLY B 166 6.26 -8.39 20.62
CA GLY B 166 6.42 -7.31 19.65
C GLY B 166 6.16 -7.78 18.24
N GLN B 167 4.88 -7.87 17.89
CA GLN B 167 4.44 -8.16 16.52
C GLN B 167 3.34 -7.15 16.18
N PRO B 168 3.24 -6.74 14.90
CA PRO B 168 2.28 -5.69 14.56
C PRO B 168 0.85 -6.01 14.98
N TRP B 169 0.39 -7.23 14.73
CA TRP B 169 -0.96 -7.59 15.11
C TRP B 169 -1.19 -7.54 16.63
N GLN B 170 -0.16 -7.87 17.42
CA GLN B 170 -0.28 -7.79 18.88
C GLN B 170 -0.31 -6.36 19.42
N ASP B 171 0.55 -5.50 18.85
CA ASP B 171 0.49 -4.06 19.12
C ASP B 171 -0.90 -3.51 18.79
N ALA B 172 -1.43 -3.92 17.65
CA ALA B 172 -2.77 -3.47 17.23
C ALA B 172 -3.86 -4.00 18.17
N THR B 173 -3.65 -5.21 18.69
CA THR B 173 -4.60 -5.77 19.64
C THR B 173 -4.70 -4.91 20.88
N ILE B 174 -3.55 -4.49 21.40
CA ILE B 174 -3.57 -3.55 22.51
C ILE B 174 -4.29 -2.26 22.11
N PHE B 175 -3.98 -1.77 20.91
CA PHE B 175 -4.53 -0.50 20.43
C PHE B 175 -6.05 -0.52 20.29
N ASP B 176 -6.63 -1.68 19.93
CA ASP B 176 -8.08 -1.88 20.04
C ASP B 176 -8.57 -1.27 21.35
N ALA B 177 -7.99 -1.75 22.45
CA ALA B 177 -8.45 -1.39 23.79
C ALA B 177 -8.10 0.04 24.21
N VAL B 178 -6.88 0.47 23.96
CA VAL B 178 -6.50 1.85 24.23
C VAL B 178 -7.54 2.79 23.60
N VAL B 179 -7.79 2.61 22.30
CA VAL B 179 -8.78 3.41 21.56
C VAL B 179 -10.18 3.27 22.16
N LEU B 180 -10.61 2.03 22.37
CA LEU B 180 -11.91 1.76 23.00
C LEU B 180 -12.06 2.52 24.33
N SER B 181 -10.99 2.62 25.12
CA SER B 181 -11.07 3.28 26.43
C SER B 181 -11.43 4.75 26.36
N PHE B 182 -11.21 5.40 25.20
CA PHE B 182 -11.65 6.78 25.03
C PHE B 182 -13.12 6.89 24.64
N GLY B 183 -13.81 5.76 24.67
CA GLY B 183 -15.24 5.70 24.46
C GLY B 183 -15.62 5.04 23.15
N THR B 184 -16.76 4.36 23.17
CA THR B 184 -17.31 3.68 21.98
C THR B 184 -17.59 4.63 20.82
N ASP B 185 -17.99 5.87 21.12
CA ASP B 185 -18.21 6.84 20.04
C ASP B 185 -16.92 7.12 19.29
N PHE B 186 -15.83 7.33 20.04
CA PHE B 186 -14.51 7.56 19.46
C PHE B 186 -14.05 6.35 18.65
N TYR B 187 -14.31 5.16 19.18
CA TYR B 187 -13.85 3.95 18.50
C TYR B 187 -14.55 3.80 17.15
N LYS B 188 -15.88 3.94 17.16
CA LYS B 188 -16.69 3.86 15.94
C LYS B 188 -16.25 4.89 14.90
N LYS B 189 -16.20 6.16 15.32
CA LYS B 189 -15.74 7.23 14.42
C LYS B 189 -14.36 6.92 13.83
N ALA B 190 -13.44 6.47 14.67
CA ALA B 190 -12.06 6.22 14.22
C ALA B 190 -11.93 5.02 13.29
N PHE B 191 -12.42 3.86 13.72
CA PHE B 191 -12.07 2.61 13.06
C PHE B 191 -13.16 2.02 12.18
N ILE B 192 -14.40 2.44 12.40
CA ILE B 192 -15.53 1.92 11.62
C ILE B 192 -15.91 2.94 10.55
N ASP B 193 -16.17 4.17 10.98
CA ASP B 193 -16.50 5.27 10.08
C ASP B 193 -15.26 5.78 9.34
N LEU B 194 -14.08 5.51 9.91
CA LEU B 194 -12.81 5.93 9.33
C LEU B 194 -12.82 7.44 9.02
N ASP B 195 -13.26 8.20 10.02
CA ASP B 195 -13.43 9.64 9.92
C ASP B 195 -12.06 10.33 10.10
N PRO B 196 -11.62 11.11 9.09
CA PRO B 196 -10.27 11.67 9.21
C PRO B 196 -10.12 12.71 10.32
N GLU B 197 -11.17 13.47 10.61
CA GLU B 197 -11.12 14.43 11.72
C GLU B 197 -10.88 13.68 13.04
N THR B 198 -11.53 12.54 13.22
CA THR B 198 -11.38 11.74 14.43
C THR B 198 -10.01 11.08 14.51
N LEU B 199 -9.55 10.56 13.38
CA LEU B 199 -8.25 9.89 13.29
C LEU B 199 -7.10 10.86 13.56
N GLY B 200 -7.28 12.12 13.20
CA GLY B 200 -6.25 13.15 13.40
C GLY B 200 -6.45 13.98 14.66
N SER B 201 -7.31 13.52 15.56
CA SER B 201 -7.75 14.31 16.73
C SER B 201 -6.72 14.29 17.87
N ASP B 202 -6.90 15.18 18.85
CA ASP B 202 -6.03 15.19 20.04
C ASP B 202 -6.24 13.93 20.88
N THR B 203 -7.46 13.40 20.88
CA THR B 203 -7.76 12.16 21.59
C THR B 203 -6.90 11.02 21.05
N MET B 204 -6.88 10.82 19.74
CA MET B 204 -5.98 9.83 19.12
C MET B 204 -4.52 10.06 19.51
N LYS B 205 -4.07 11.31 19.49
CA LYS B 205 -2.74 11.70 19.99
C LYS B 205 -2.49 11.17 21.42
N GLN B 206 -3.46 11.39 22.31
CA GLN B 206 -3.39 10.86 23.69
C GLN B 206 -3.29 9.34 23.70
N ALA B 207 -4.09 8.69 22.84
CA ALA B 207 -4.05 7.24 22.72
C ALA B 207 -2.65 6.73 22.42
N PHE B 208 -1.97 7.38 21.47
CA PHE B 208 -0.59 7.02 21.15
C PHE B 208 0.36 7.27 22.31
N ASP B 209 0.12 8.34 23.08
CA ASP B 209 0.90 8.63 24.29
C ASP B 209 0.77 7.51 25.31
N ARG B 210 -0.42 6.93 25.42
CA ARG B 210 -0.65 5.84 26.35
C ARG B 210 0.01 4.55 25.91
N MET B 211 0.16 4.38 24.61
CA MET B 211 0.93 3.25 24.06
C MET B 211 2.41 3.44 24.38
N THR B 212 2.88 4.68 24.31
CA THR B 212 4.24 5.01 24.73
C THR B 212 4.46 4.65 26.21
N LYS B 213 3.46 4.94 27.03
CA LYS B 213 3.49 4.60 28.45
C LYS B 213 3.52 3.08 28.66
N LEU B 214 2.66 2.36 27.94
CA LEU B 214 2.58 0.90 28.09
C LEU B 214 3.87 0.24 27.64
N ARG B 215 4.46 0.74 26.56
CA ARG B 215 5.73 0.22 26.03
C ARG B 215 6.82 0.19 27.11
N SER B 216 6.77 1.15 28.05
CA SER B 216 7.78 1.26 29.11
C SER B 216 7.77 0.09 30.10
N TYR B 217 6.64 -0.64 30.15
CA TYR B 217 6.47 -1.76 31.10
C TYR B 217 6.65 -3.14 30.48
N VAL B 218 7.10 -3.19 29.22
CA VAL B 218 7.39 -4.48 28.61
C VAL B 218 8.89 -4.77 28.71
N ASP B 219 9.24 -6.05 28.80
CA ASP B 219 10.65 -6.45 28.92
C ASP B 219 11.44 -6.20 27.65
N ASP B 220 12.74 -6.19 27.80
CA ASP B 220 13.68 -5.86 26.75
C ASP B 220 13.69 -6.86 25.58
N ASN B 221 13.19 -8.04 25.78
CA ASN B 221 13.23 -9.11 24.79
C ASN B 221 11.88 -9.42 24.13
N PHE B 222 10.93 -8.50 24.26
CA PHE B 222 9.55 -8.71 23.77
C PHE B 222 9.44 -8.84 22.24
N SER B 223 10.37 -8.24 21.51
CA SER B 223 10.31 -8.24 20.04
C SER B 223 10.27 -9.64 19.44
N GLY B 224 9.29 -9.89 18.58
CA GLY B 224 9.18 -11.18 17.90
C GLY B 224 8.57 -12.30 18.73
N ARG B 225 8.16 -11.99 19.96
CA ARG B 225 7.61 -13.03 20.83
C ARG B 225 6.20 -13.46 20.46
N ASP B 226 5.99 -14.77 20.28
CA ASP B 226 4.64 -15.28 20.01
C ASP B 226 3.69 -14.94 21.17
N TRP B 227 2.43 -14.65 20.85
CA TRP B 227 1.44 -14.23 21.85
C TRP B 227 1.28 -15.23 23.01
N ASN B 228 1.40 -16.52 22.70
CA ASN B 228 1.15 -17.57 23.69
C ASN B 228 2.34 -17.69 24.65
N LEU B 229 3.49 -17.19 24.21
CA LEU B 229 4.67 -17.13 25.07
C LEU B 229 4.54 -15.98 26.07
N ALA B 230 3.99 -14.85 25.63
CA ALA B 230 3.62 -13.78 26.57
C ALA B 230 2.57 -14.29 27.57
N SER B 231 1.57 -15.04 27.10
CA SER B 231 0.57 -15.58 28.01
C SER B 231 1.26 -16.48 29.06
N ALA B 232 2.22 -17.30 28.63
CA ALA B 232 2.93 -18.20 29.53
C ALA B 232 3.66 -17.46 30.65
N MET B 233 4.26 -16.32 30.33
CA MET B 233 4.89 -15.45 31.33
C MET B 233 3.95 -15.08 32.48
N VAL B 234 2.70 -14.74 32.16
CA VAL B 234 1.73 -14.39 33.20
C VAL B 234 1.27 -15.63 33.97
N ILE B 235 1.07 -16.74 33.24
CA ILE B 235 0.71 -18.03 33.86
C ILE B 235 1.77 -18.43 34.89
N GLU B 236 3.04 -18.24 34.55
CA GLU B 236 4.15 -18.67 35.41
C GLU B 236 4.53 -17.65 36.49
N GLY B 237 3.95 -16.46 36.43
CA GLY B 237 4.22 -15.44 37.44
C GLY B 237 5.45 -14.61 37.11
N LYS B 238 5.96 -14.73 35.88
CA LYS B 238 7.15 -13.98 35.45
C LYS B 238 6.76 -12.58 35.03
N ALA B 239 5.46 -12.40 34.83
CA ALA B 239 4.89 -11.14 34.39
C ALA B 239 3.57 -10.90 35.11
N GLY B 240 3.21 -9.62 35.22
CA GLY B 240 2.02 -9.25 35.97
C GLY B 240 0.72 -9.46 35.22
N LEU B 241 0.64 -8.91 34.02
CA LEU B 241 -0.57 -9.03 33.21
C LEU B 241 -0.31 -9.06 31.71
N GLN B 242 -1.32 -9.46 30.94
CA GLN B 242 -1.27 -9.40 29.48
C GLN B 242 -2.55 -8.76 28.94
N PHE B 243 -2.40 -7.90 27.92
CA PHE B 243 -3.55 -7.41 27.15
C PHE B 243 -3.70 -8.27 25.90
N MET B 244 -4.76 -9.06 25.82
CA MET B 244 -4.90 -9.98 24.70
C MET B 244 -6.35 -10.46 24.60
N GLY B 245 -6.73 -10.96 23.42
CA GLY B 245 -8.02 -11.58 23.22
C GLY B 245 -8.21 -12.81 24.09
N ASP B 246 -9.45 -13.27 24.20
CA ASP B 246 -9.73 -14.31 25.18
C ASP B 246 -9.26 -15.68 24.77
N TRP B 247 -8.64 -15.77 23.59
CA TRP B 247 -7.88 -16.96 23.28
C TRP B 247 -6.78 -17.18 24.32
N ALA B 248 -6.33 -16.10 24.97
CA ALA B 248 -5.33 -16.22 26.04
C ALA B 248 -5.78 -17.16 27.15
N LYS B 249 -7.10 -17.16 27.43
CA LYS B 249 -7.65 -18.02 28.48
C LYS B 249 -7.49 -19.50 28.17
N GLY B 250 -7.48 -19.84 26.88
CA GLY B 250 -7.19 -21.22 26.49
C GLY B 250 -5.86 -21.72 27.02
N GLU B 251 -4.85 -20.85 27.02
CA GLU B 251 -3.53 -21.19 27.54
C GLU B 251 -3.57 -21.43 29.06
N PHE B 252 -4.19 -20.48 29.76
CA PHE B 252 -4.37 -20.52 31.23
C PHE B 252 -5.03 -21.83 31.66
N VAL B 253 -6.11 -22.18 30.98
CA VAL B 253 -6.93 -23.36 31.29
C VAL B 253 -6.12 -24.62 31.00
N LYS B 254 -5.46 -24.63 29.83
CA LYS B 254 -4.58 -25.73 29.43
C LYS B 254 -3.49 -26.01 30.48
N ALA B 255 -2.96 -24.94 31.09
CA ALA B 255 -1.95 -25.07 32.15
C ALA B 255 -2.55 -25.44 33.51
N GLY B 256 -3.86 -25.65 33.54
CA GLY B 256 -4.58 -26.03 34.76
C GLY B 256 -4.88 -24.89 35.72
N LYS B 257 -4.84 -23.66 35.21
CA LYS B 257 -5.07 -22.47 36.02
C LYS B 257 -6.55 -22.08 36.03
N LYS B 258 -7.03 -21.57 37.15
CA LYS B 258 -8.46 -21.30 37.33
C LYS B 258 -8.72 -19.83 37.65
N PRO B 259 -9.86 -19.30 37.18
CA PRO B 259 -10.23 -17.90 37.46
C PRO B 259 -10.44 -17.67 38.95
N GLY B 260 -9.89 -16.57 39.46
CA GLY B 260 -10.03 -16.23 40.88
C GLY B 260 -8.97 -16.82 41.81
N GLU B 261 -8.42 -17.98 41.43
CA GLU B 261 -7.37 -18.62 42.21
C GLU B 261 -6.01 -18.26 41.65
N ASP B 262 -5.84 -18.48 40.35
CA ASP B 262 -4.56 -18.34 39.70
C ASP B 262 -4.45 -17.06 38.88
N PHE B 263 -5.56 -16.65 38.27
CA PHE B 263 -5.57 -15.43 37.49
C PHE B 263 -6.91 -14.72 37.55
N VAL B 264 -6.89 -13.45 37.16
CA VAL B 264 -8.09 -12.61 37.11
C VAL B 264 -8.34 -12.20 35.66
N CYS B 265 -9.60 -12.27 35.21
CA CYS B 265 -9.96 -11.82 33.85
C CYS B 265 -10.86 -10.59 33.90
N MET B 266 -10.37 -9.46 33.40
CA MET B 266 -11.26 -8.31 33.29
C MET B 266 -11.08 -7.55 32.00
N ARG B 267 -12.04 -6.67 31.71
CA ARG B 267 -11.95 -5.81 30.55
C ARG B 267 -10.90 -4.74 30.78
N TYR B 268 -10.29 -4.30 29.69
CA TYR B 268 -9.33 -3.23 29.76
C TYR B 268 -9.98 -2.05 30.47
N PRO B 269 -9.29 -1.45 31.48
CA PRO B 269 -9.89 -0.38 32.28
C PRO B 269 -10.57 0.70 31.45
N GLY B 270 -11.83 0.97 31.77
CA GLY B 270 -12.59 2.00 31.08
C GLY B 270 -13.39 1.48 29.90
N THR B 271 -13.32 0.18 29.64
CA THR B 271 -14.07 -0.42 28.53
C THR B 271 -15.17 -1.40 28.96
N GLN B 272 -15.31 -1.66 30.25
CA GLN B 272 -16.40 -2.56 30.67
C GLN B 272 -17.72 -2.01 30.15
N GLY B 273 -18.52 -2.88 29.55
CA GLY B 273 -19.77 -2.46 28.93
C GLY B 273 -19.73 -2.50 27.41
N ALA B 274 -18.52 -2.59 26.85
CA ALA B 274 -18.34 -2.72 25.40
C ALA B 274 -17.46 -3.94 25.13
N ILE B 275 -17.58 -4.55 23.95
CA ILE B 275 -16.60 -5.56 23.47
C ILE B 275 -16.12 -5.21 22.07
N THR B 276 -14.83 -5.41 21.81
CA THR B 276 -14.30 -5.34 20.46
C THR B 276 -14.16 -6.78 20.01
N PHE B 277 -15.12 -7.22 19.19
CA PHE B 277 -15.26 -8.63 18.84
C PHE B 277 -14.51 -9.08 17.58
N ASN B 278 -14.25 -10.37 17.52
CA ASN B 278 -13.87 -11.02 16.28
C ASN B 278 -14.39 -12.44 16.27
N SER B 279 -14.83 -12.87 15.11
CA SER B 279 -15.43 -14.20 14.97
C SER B 279 -14.62 -15.08 14.01
N ASP B 280 -14.12 -16.22 14.50
CA ASP B 280 -13.52 -17.21 13.59
C ASP B 280 -14.63 -17.88 12.79
N MET B 281 -14.46 -17.93 11.46
CA MET B 281 -15.42 -18.57 10.57
C MET B 281 -14.69 -19.54 9.64
N PHE B 282 -15.36 -20.61 9.28
CA PHE B 282 -14.82 -21.48 8.26
C PHE B 282 -15.53 -21.24 6.94
N ALA B 283 -14.75 -20.81 5.95
CA ALA B 283 -15.23 -20.65 4.59
C ALA B 283 -14.93 -21.92 3.82
N MET B 284 -15.93 -22.40 3.08
CA MET B 284 -15.77 -23.60 2.28
C MET B 284 -15.52 -23.20 0.84
N PHE B 285 -14.27 -23.27 0.40
CA PHE B 285 -13.93 -22.84 -0.96
C PHE B 285 -14.54 -23.82 -1.97
N LYS B 286 -15.00 -23.28 -3.11
CA LYS B 286 -15.50 -24.13 -4.19
C LYS B 286 -14.33 -24.90 -4.77
N VAL B 287 -14.40 -26.21 -4.63
CA VAL B 287 -13.37 -27.10 -5.17
C VAL B 287 -14.11 -28.14 -6.03
N SER B 288 -13.80 -29.43 -5.87
CA SER B 288 -14.54 -30.48 -6.56
C SER B 288 -15.97 -30.57 -6.03
N GLU B 289 -16.92 -30.82 -6.93
CA GLU B 289 -18.31 -30.98 -6.55
C GLU B 289 -18.55 -32.08 -5.50
N ASP B 290 -17.77 -33.16 -5.56
CA ASP B 290 -17.94 -34.28 -4.61
C ASP B 290 -17.43 -34.01 -3.18
N LYS B 291 -16.78 -32.85 -2.99
CA LYS B 291 -16.38 -32.40 -1.66
C LYS B 291 -17.51 -31.67 -0.93
N VAL B 292 -18.51 -31.25 -1.70
CA VAL B 292 -19.60 -30.42 -1.17
C VAL B 292 -20.36 -31.07 0.01
N PRO B 293 -20.71 -32.36 -0.09
CA PRO B 293 -21.42 -32.92 1.07
C PRO B 293 -20.59 -32.85 2.37
N ALA B 294 -19.28 -33.09 2.29
CA ALA B 294 -18.42 -33.00 3.47
C ALA B 294 -18.42 -31.57 4.03
N GLN B 295 -18.32 -30.59 3.13
CA GLN B 295 -18.32 -29.17 3.47
C GLN B 295 -19.61 -28.78 4.19
N LEU B 296 -20.75 -29.26 3.69
CA LEU B 296 -22.02 -28.97 4.33
C LEU B 296 -22.19 -29.67 5.67
N GLU B 297 -21.69 -30.90 5.77
CA GLU B 297 -21.62 -31.60 7.05
C GLU B 297 -20.73 -30.81 8.04
N MET B 298 -19.60 -30.30 7.57
CA MET B 298 -18.69 -29.52 8.43
C MET B 298 -19.37 -28.24 8.95
N ALA B 299 -20.06 -27.53 8.05
CA ALA B 299 -20.83 -26.32 8.42
C ALA B 299 -21.88 -26.65 9.49
N SER B 300 -22.52 -27.80 9.33
CA SER B 300 -23.56 -28.27 10.26
C SER B 300 -23.00 -28.60 11.64
N ALA B 301 -21.86 -29.28 11.69
CA ALA B 301 -21.24 -29.65 12.97
C ALA B 301 -20.78 -28.40 13.71
N ILE B 302 -20.28 -27.43 12.95
CA ILE B 302 -19.80 -26.19 13.55
C ILE B 302 -20.93 -25.46 14.26
N GLU B 303 -22.12 -25.50 13.67
CA GLU B 303 -23.23 -24.75 14.20
C GLU B 303 -24.14 -25.57 15.13
N SER B 304 -23.76 -26.83 15.39
CA SER B 304 -24.46 -27.66 16.38
C SER B 304 -24.36 -27.10 17.80
N PRO B 305 -25.49 -27.11 18.55
CA PRO B 305 -25.44 -26.53 19.90
C PRO B 305 -24.42 -27.19 20.82
N THR B 306 -24.31 -28.51 20.75
CA THR B 306 -23.35 -29.27 21.58
C THR B 306 -21.90 -28.83 21.36
N PHE B 307 -21.51 -28.76 20.09
CA PHE B 307 -20.19 -28.29 19.71
C PHE B 307 -19.97 -26.83 20.10
N GLN B 308 -20.98 -26.00 19.86
CA GLN B 308 -20.89 -24.58 20.15
C GLN B 308 -20.53 -24.32 21.60
N SER B 309 -21.03 -25.19 22.49
CA SER B 309 -20.62 -25.14 23.87
C SER B 309 -19.20 -25.70 24.06
N ALA B 310 -19.00 -26.96 23.71
CA ALA B 310 -17.77 -27.70 24.04
C ALA B 310 -16.50 -27.01 23.51
N PHE B 311 -16.53 -26.69 22.23
CA PHE B 311 -15.40 -26.04 21.57
C PHE B 311 -15.06 -24.72 22.28
N ASN B 312 -16.09 -23.94 22.53
CA ASN B 312 -15.88 -22.60 23.02
C ASN B 312 -15.45 -22.59 24.48
N VAL B 313 -15.90 -23.57 25.25
CA VAL B 313 -15.36 -23.79 26.60
C VAL B 313 -13.84 -23.94 26.57
N VAL B 314 -13.32 -24.77 25.65
CA VAL B 314 -11.88 -25.00 25.52
C VAL B 314 -11.19 -23.78 24.90
N LYS B 315 -11.80 -23.17 23.89
CA LYS B 315 -11.14 -22.13 23.10
C LYS B 315 -10.95 -20.81 23.86
N GLY B 316 -11.87 -20.49 24.77
CA GLY B 316 -11.86 -19.18 25.42
C GLY B 316 -12.56 -18.12 24.57
N SER B 317 -13.69 -18.50 23.98
CA SER B 317 -14.53 -17.57 23.23
C SER B 317 -15.96 -17.81 23.65
N ALA B 318 -16.86 -16.85 23.41
CA ALA B 318 -18.31 -17.10 23.54
C ALA B 318 -18.82 -17.84 22.32
N PRO B 319 -19.92 -18.60 22.46
CA PRO B 319 -20.50 -19.24 21.27
C PRO B 319 -20.96 -18.19 20.23
N ALA B 320 -20.94 -18.56 18.94
CA ALA B 320 -21.54 -17.70 17.91
C ALA B 320 -23.07 -17.77 17.98
N ARG B 321 -23.62 -18.92 18.37
CA ARG B 321 -25.08 -19.08 18.57
C ARG B 321 -25.53 -18.44 19.87
N THR B 322 -26.59 -17.64 19.80
CA THR B 322 -27.07 -16.91 20.98
C THR B 322 -27.94 -17.77 21.91
N ASP B 323 -28.33 -18.96 21.45
CA ASP B 323 -29.21 -19.85 22.24
C ASP B 323 -28.44 -20.88 23.07
N VAL B 324 -27.12 -20.88 22.98
CA VAL B 324 -26.28 -21.82 23.76
C VAL B 324 -26.11 -21.33 25.19
N PRO B 325 -26.52 -22.14 26.19
CA PRO B 325 -26.44 -21.69 27.58
C PRO B 325 -24.98 -21.57 28.05
N ASP B 326 -24.74 -20.77 29.07
CA ASP B 326 -23.39 -20.59 29.63
C ASP B 326 -22.99 -21.65 30.67
N THR B 327 -23.85 -22.66 30.84
CA THR B 327 -23.75 -23.64 31.93
C THR B 327 -22.38 -24.32 32.10
N ASP B 328 -21.75 -24.69 30.99
CA ASP B 328 -20.50 -25.43 31.04
C ASP B 328 -19.25 -24.56 31.04
N PHE B 329 -19.44 -23.24 31.02
CA PHE B 329 -18.34 -22.29 31.00
C PHE B 329 -17.87 -21.92 32.40
N ASP B 330 -16.60 -21.60 32.53
CA ASP B 330 -16.06 -21.13 33.80
C ASP B 330 -16.47 -19.69 34.05
N ALA B 331 -16.00 -19.10 35.14
CA ALA B 331 -16.35 -17.73 35.50
C ALA B 331 -16.03 -16.71 34.40
N CYS B 332 -14.92 -16.91 33.71
CA CYS B 332 -14.49 -15.97 32.66
C CYS B 332 -15.29 -16.14 31.38
N GLY B 333 -15.65 -17.39 31.07
CA GLY B 333 -16.48 -17.72 29.93
C GLY B 333 -17.90 -17.23 30.13
N LYS B 334 -18.44 -17.37 31.34
CA LYS B 334 -19.78 -16.83 31.59
C LYS B 334 -19.76 -15.30 31.42
N LYS B 335 -18.69 -14.67 31.90
CA LYS B 335 -18.56 -13.21 31.75
C LYS B 335 -18.51 -12.79 30.28
N ALA B 336 -17.79 -13.53 29.44
CA ALA B 336 -17.72 -13.24 28.00
C ALA B 336 -19.11 -13.30 27.33
N ILE B 337 -19.88 -14.34 27.68
CA ILE B 337 -21.24 -14.51 27.16
C ILE B 337 -22.17 -13.38 27.61
N ALA B 338 -22.12 -13.03 28.90
CA ALA B 338 -22.95 -11.97 29.46
C ALA B 338 -22.55 -10.61 28.91
N ASP B 339 -21.25 -10.39 28.78
CA ASP B 339 -20.71 -9.15 28.20
C ASP B 339 -21.15 -8.99 26.76
N GLU B 340 -21.10 -10.07 25.98
CA GLU B 340 -21.56 -10.03 24.59
C GLU B 340 -23.04 -9.69 24.52
N LYS B 341 -23.83 -10.37 25.34
CA LYS B 341 -25.29 -10.16 25.37
C LYS B 341 -25.59 -8.70 25.64
N GLU B 342 -24.88 -8.13 26.62
CA GLU B 342 -25.08 -6.74 27.02
C GLU B 342 -24.68 -5.78 25.89
N ALA B 343 -23.47 -5.95 25.36
CA ALA B 343 -22.95 -5.12 24.27
C ALA B 343 -23.86 -5.15 23.03
N SER B 344 -24.38 -6.33 22.71
CA SER B 344 -25.23 -6.51 21.53
C SER B 344 -26.49 -5.66 21.71
N GLU B 345 -27.04 -5.65 22.91
CA GLU B 345 -28.24 -4.89 23.26
C GLU B 345 -28.00 -3.39 23.29
N LYS B 346 -26.83 -2.97 23.79
CA LYS B 346 -26.52 -1.54 23.92
C LYS B 346 -25.87 -0.95 22.66
N GLY B 347 -25.57 -1.80 21.68
CA GLY B 347 -24.90 -1.36 20.45
C GLY B 347 -23.44 -1.02 20.70
N THR B 348 -22.82 -1.74 21.64
CA THR B 348 -21.43 -1.51 21.99
C THR B 348 -20.58 -2.76 21.64
N MET B 349 -21.14 -3.61 20.77
CA MET B 349 -20.45 -4.80 20.23
C MET B 349 -19.85 -4.35 18.93
N LEU B 350 -18.58 -3.96 19.00
CA LEU B 350 -17.92 -3.29 17.89
C LEU B 350 -16.86 -4.20 17.30
N GLY B 351 -16.78 -4.23 15.97
CA GLY B 351 -15.76 -5.01 15.29
C GLY B 351 -14.33 -4.64 15.70
N SER B 352 -13.55 -5.66 16.04
CA SER B 352 -12.13 -5.48 16.33
C SER B 352 -11.35 -4.95 15.13
N MET B 353 -10.60 -3.86 15.33
CA MET B 353 -9.71 -3.40 14.25
C MET B 353 -8.61 -4.42 14.01
N ALA B 354 -7.97 -4.85 15.09
CA ALA B 354 -6.79 -5.73 14.99
C ALA B 354 -7.09 -7.07 14.32
N HIS B 355 -8.33 -7.56 14.49
CA HIS B 355 -8.68 -8.90 14.01
C HIS B 355 -9.73 -8.89 12.91
N GLY B 356 -9.72 -7.79 12.17
CA GLY B 356 -10.29 -7.72 10.84
C GLY B 356 -11.78 -7.49 10.72
N TYR B 357 -12.44 -7.14 11.83
CA TYR B 357 -13.88 -6.86 11.84
C TYR B 357 -14.29 -5.38 11.73
N ALA B 358 -13.34 -4.45 11.88
CA ALA B 358 -13.66 -3.02 11.87
C ALA B 358 -13.59 -2.41 10.47
N ASN B 359 -12.59 -2.80 9.69
CA ASN B 359 -12.34 -2.21 8.38
C ASN B 359 -11.58 -3.18 7.48
N PRO B 360 -11.52 -2.89 6.15
CA PRO B 360 -10.87 -3.79 5.18
C PRO B 360 -9.37 -3.94 5.41
N ALA B 361 -8.82 -5.07 4.94
CA ALA B 361 -7.41 -5.43 5.11
C ALA B 361 -6.46 -4.28 4.80
N ALA B 362 -6.68 -3.60 3.67
CA ALA B 362 -5.81 -2.49 3.26
C ALA B 362 -5.79 -1.41 4.34
N VAL B 363 -6.97 -1.11 4.89
CA VAL B 363 -7.05 -0.13 5.97
C VAL B 363 -6.38 -0.68 7.23
N LYS B 364 -6.81 -1.87 7.66
CA LYS B 364 -6.20 -2.58 8.76
C LYS B 364 -4.67 -2.58 8.67
N ASN B 365 -4.14 -2.93 7.49
CA ASN B 365 -2.68 -3.01 7.34
C ASN B 365 -1.98 -1.66 7.49
N ALA B 366 -2.62 -0.60 6.97
CA ALA B 366 -2.07 0.75 7.10
C ALA B 366 -2.06 1.18 8.56
N ILE B 367 -3.07 0.79 9.33
CA ILE B 367 -3.13 1.12 10.76
C ILE B 367 -2.06 0.35 11.54
N TYR B 368 -1.92 -0.95 11.25
CA TYR B 368 -0.82 -1.79 11.78
C TYR B 368 0.53 -1.09 11.68
N ASP B 369 0.83 -0.59 10.49
CA ASP B 369 2.16 -0.03 10.21
C ASP B 369 2.44 1.17 11.11
N VAL B 370 1.50 2.09 11.18
CA VAL B 370 1.65 3.27 12.04
C VAL B 370 1.73 2.87 13.52
N VAL B 371 0.81 2.03 13.98
CA VAL B 371 0.80 1.60 15.38
C VAL B 371 2.08 0.88 15.81
N THR B 372 2.60 -0.01 14.97
CA THR B 372 3.85 -0.71 15.28
C THR B 372 5.01 0.25 15.48
N ARG B 373 5.21 1.14 14.50
CA ARG B 373 6.33 2.08 14.50
C ARG B 373 6.26 3.08 15.64
N GLN B 374 5.05 3.50 15.99
CA GLN B 374 4.85 4.36 17.12
C GLN B 374 5.16 3.63 18.41
N PHE B 375 4.66 2.41 18.54
CA PHE B 375 4.86 1.62 19.77
C PHE B 375 6.34 1.32 20.00
N ASN B 376 7.05 0.98 18.93
CA ASN B 376 8.49 0.71 18.95
C ASN B 376 9.37 1.97 19.09
N GLY B 377 8.73 3.15 19.21
CA GLY B 377 9.42 4.42 19.42
C GLY B 377 10.05 5.09 18.21
N GLN B 378 9.71 4.59 17.02
CA GLN B 378 10.26 5.07 15.73
C GLN B 378 9.44 6.24 15.15
N LEU B 379 8.50 6.76 15.93
CA LEU B 379 7.50 7.70 15.45
C LEU B 379 6.81 8.35 16.64
N SER B 380 6.84 9.68 16.70
CA SER B 380 6.24 10.42 17.79
C SER B 380 4.72 10.34 17.73
N SER B 381 4.06 10.73 18.81
CA SER B 381 2.60 10.73 18.83
C SER B 381 1.98 11.74 17.84
N GLU B 382 2.55 12.94 17.75
CA GLU B 382 2.12 13.90 16.75
C GLU B 382 2.26 13.35 15.33
N ASP B 383 3.42 12.79 15.01
CA ASP B 383 3.67 12.27 13.67
C ASP B 383 2.83 11.04 13.34
N ALA B 384 2.58 10.20 14.34
CA ALA B 384 1.76 9.00 14.17
C ALA B 384 0.35 9.38 13.74
N VAL B 385 -0.23 10.36 14.45
CA VAL B 385 -1.55 10.91 14.14
C VAL B 385 -1.60 11.37 12.68
N LYS B 386 -0.57 12.05 12.26
CA LYS B 386 -0.52 12.56 10.92
C LYS B 386 -0.43 11.45 9.89
N GLU B 387 0.49 10.52 10.14
CA GLU B 387 0.70 9.43 9.21
C GLU B 387 -0.54 8.52 9.17
N LEU B 388 -1.20 8.39 10.31
CA LEU B 388 -2.40 7.55 10.41
C LEU B 388 -3.51 8.05 9.49
N VAL B 389 -3.76 9.35 9.54
CA VAL B 389 -4.75 9.98 8.67
C VAL B 389 -4.43 9.73 7.20
N SER B 390 -3.18 10.02 6.80
CA SER B 390 -2.76 9.89 5.40
C SER B 390 -2.89 8.46 4.92
N ALA B 391 -2.48 7.52 5.77
CA ALA B 391 -2.45 6.11 5.41
C ALA B 391 -3.85 5.50 5.34
N VAL B 392 -4.72 5.86 6.27
CA VAL B 392 -6.11 5.41 6.22
C VAL B 392 -6.86 6.03 5.03
N GLU B 393 -6.64 7.32 4.79
CA GLU B 393 -7.27 7.98 3.63
C GLU B 393 -6.81 7.40 2.29
N GLY B 394 -5.53 7.06 2.18
CA GLY B 394 -4.99 6.45 0.97
C GLY B 394 -5.51 5.05 0.72
N ALA B 395 -5.85 4.34 1.80
CA ALA B 395 -6.22 2.93 1.72
C ALA B 395 -7.72 2.66 1.56
N LYS B 396 -8.59 3.61 1.91
CA LYS B 396 -10.05 3.34 1.89
C LYS B 396 -10.68 3.51 0.51
#